data_6IIC
#
_entry.id   6IIC
#
loop_
_entity.id
_entity.type
_entity.pdbx_description
1 polymer 'VP1 of Mud crab dicistrovirus'
2 polymer 'VP2 of Mud crab dicistrovirus'
3 polymer 'VP3 of Mud crab dicistrovirus'
4 polymer 'VP4 of Mud crab dicistrovirus'
#
loop_
_entity_poly.entity_id
_entity_poly.type
_entity_poly.pdbx_seq_one_letter_code
_entity_poly.pdbx_strand_id
1 'polypeptide(L)'
;GGGMDYAKSDSSSLVTTMGEQFRSLRMLTRRSSPTDVLTGTSVTLPGITIGTDSSLRQSVLNIISYMYRFTKGSISYKII
PKIKGDLYITTSSADNIELNSNAYSFDVNRALHYQNTALNPVVQVSLPYYCPSENLVIDSTSFPNLSNLVLTNLERSSNT
YTVLVSAGDDHTFSQLAGCPAFTIGPSRSAA
;
A
2 'polypeptide(L)'
;MDSSVTNTGGLMPSATISNSEGATMLLNDIPDPTQNVFLSRNVTDNLFEVQDQNLIESLSREVLLGTGTWQSGQAEISTT
LTEQQLITNYEQPSIRQISLPDDIVKGSSFIASKLANIAYMRCDYELYLRVQGSPFLQGLLLLWNKMNADQTSKIRSSIT
EHLRSITSFPGVTLNMQSDSRSVKLVIPYTSEFQVFNPRNENKLNSVRLSILSALRGPSTSEKATYSIMGRMTNIKLYGH
APSIVSLSYPQTE
;
B
3 'polypeptide(L)'
;SKDRDLSKVSPYENIPAKGFTHGVGFDYGVPLSLFPDNAIDPTIANPESIDEMSIQYLASRPYMLDRYTIKGGNTPSPSG
TVVADIPISPVNYSLYGSIIRDYRTIFGAPVSLAVAMASWWRAKIHLNLQFAKTQYHQCRLLVQYLPYGSDVQSLENVLS
QIIDISHVDESGIDLCFPSIFTNKWMRSYDPATEGYTAGCAPGRILISVLNPLISASTVNDDIVMMPWLTWENLELAEPG
SLAKAAIGFDYPADAVDEKWTSRELPVTGSSFNLFRDTTIVLGASTNISNLVLTNDDTGGDYQIVSTTPTGSYVSAVTCP
QGTYTITHDGVGATIISNFPILGAGEGPSFQISALRHGDKVTITEDPTKINVSGVSFLTGTNSWKASLKDSSGTLLGRLE
YDGTSFSSDSPASLIPGKYNVELDPADNSAVVTIVANNSFGTASLDTH
;
C
4 'polypeptide(L)' GGDDATASQRGIVTQVADTVSSISNVVDGLGVPLLSSISKPIGWVSNVVSNVASIFGF D
#
# COMPACT_ATOMS: atom_id res chain seq x y z
N GLY A 3 29.40 -14.75 -4.99
CA GLY A 3 29.01 -13.69 -4.07
C GLY A 3 30.20 -13.03 -3.41
N MET A 4 31.14 -13.83 -2.94
CA MET A 4 32.34 -13.32 -2.29
C MET A 4 32.03 -12.87 -0.86
N ASP A 5 31.06 -13.52 -0.23
CA ASP A 5 30.66 -13.18 1.13
C ASP A 5 31.64 -13.59 2.23
N TYR A 6 31.84 -12.69 3.18
CA TYR A 6 32.47 -13.06 4.44
C TYR A 6 31.46 -13.53 5.49
N ALA A 7 30.18 -13.36 5.18
CA ALA A 7 29.10 -13.64 6.13
C ALA A 7 29.04 -15.11 6.54
N LYS A 8 28.75 -15.37 7.82
CA LYS A 8 28.80 -16.73 8.37
C LYS A 8 27.60 -17.19 9.19
N SER A 9 26.50 -16.44 9.16
CA SER A 9 25.30 -16.76 9.93
C SER A 9 25.50 -16.69 11.44
N ASP A 10 24.45 -16.30 12.17
CA ASP A 10 24.58 -15.99 13.58
C ASP A 10 24.54 -17.21 14.48
N SER A 11 24.84 -16.99 15.75
CA SER A 11 24.78 -18.01 16.76
C SER A 11 24.38 -17.39 18.08
N SER A 12 23.08 -17.22 18.30
CA SER A 12 22.60 -16.58 19.52
C SER A 12 21.21 -17.02 19.92
N SER A 13 21.00 -17.20 21.21
CA SER A 13 19.71 -17.62 21.75
C SER A 13 18.72 -16.48 21.80
N LEU A 14 17.43 -16.81 21.68
CA LEU A 14 16.38 -15.80 21.65
C LEU A 14 15.87 -15.41 23.02
N VAL A 15 15.86 -16.37 23.94
CA VAL A 15 15.21 -16.19 25.23
C VAL A 15 16.05 -15.47 26.27
N THR A 16 17.31 -15.25 25.95
CA THR A 16 18.26 -14.81 26.96
C THR A 16 18.24 -13.33 27.30
N THR A 17 17.61 -12.51 26.48
CA THR A 17 17.89 -11.08 26.59
C THR A 17 16.68 -10.15 26.64
N MET A 18 15.61 -10.47 25.92
CA MET A 18 14.43 -9.63 25.96
C MET A 18 13.18 -10.50 25.96
N GLY A 19 12.08 -9.96 26.45
CA GLY A 19 10.93 -10.80 26.76
C GLY A 19 10.11 -11.26 25.58
N GLU A 20 10.31 -10.62 24.43
CA GLU A 20 9.51 -10.97 23.27
C GLU A 20 10.22 -10.67 21.97
N GLN A 21 9.66 -11.18 20.88
CA GLN A 21 10.15 -10.85 19.55
C GLN A 21 8.99 -10.78 18.58
N PHE A 22 9.05 -9.85 17.64
CA PHE A 22 7.96 -9.67 16.71
C PHE A 22 8.47 -9.52 15.29
N ARG A 23 7.75 -10.10 14.35
CA ARG A 23 8.22 -10.16 12.98
C ARG A 23 7.18 -9.65 12.00
N SER A 24 6.40 -8.68 12.44
CA SER A 24 5.35 -8.07 11.61
C SER A 24 4.95 -6.69 12.11
N LEU A 25 4.52 -5.85 11.18
CA LEU A 25 4.03 -4.53 11.55
C LEU A 25 2.58 -4.49 12.00
N ARG A 26 1.81 -5.54 11.75
CA ARG A 26 0.42 -5.52 12.15
C ARG A 26 0.29 -5.48 13.65
N MET A 27 1.17 -6.20 14.33
CA MET A 27 1.08 -6.29 15.77
C MET A 27 1.29 -4.95 16.40
N LEU A 28 2.14 -4.15 15.78
CA LEU A 28 2.38 -2.83 16.27
C LEU A 28 1.15 -1.95 16.07
N THR A 29 0.37 -2.26 15.04
CA THR A 29 -0.79 -1.42 14.72
C THR A 29 -2.04 -1.80 15.49
N ARG A 30 -2.12 -3.04 15.96
CA ARG A 30 -3.28 -3.44 16.76
C ARG A 30 -3.24 -2.70 18.10
N ARG A 31 -2.04 -2.33 18.51
CA ARG A 31 -1.83 -1.53 19.70
C ARG A 31 -2.46 -0.14 19.57
N SER A 32 -3.15 0.31 20.61
CA SER A 32 -3.90 1.56 20.55
C SER A 32 -3.12 2.75 21.08
N SER A 33 -3.23 3.87 20.38
CA SER A 33 -2.47 5.07 20.72
C SER A 33 -3.33 6.33 20.66
N PRO A 34 -2.98 7.35 21.47
CA PRO A 34 -3.63 8.66 21.53
C PRO A 34 -3.57 9.48 20.24
N THR A 35 -4.60 10.26 19.96
CA THR A 35 -4.63 11.14 18.80
C THR A 35 -4.57 12.61 19.23
N ASP A 36 -5.73 13.25 19.31
CA ASP A 36 -5.81 14.64 19.74
C ASP A 36 -7.10 14.91 20.50
N VAL A 37 -7.04 15.82 21.47
CA VAL A 37 -8.18 16.13 22.32
C VAL A 37 -9.32 16.80 21.55
N LEU A 38 -10.56 16.38 21.83
CA LEU A 38 -11.71 16.88 21.10
C LEU A 38 -12.67 17.67 21.97
N THR A 39 -12.40 18.97 22.10
CA THR A 39 -13.25 19.86 22.87
C THR A 39 -14.55 20.23 22.16
N GLY A 40 -15.56 20.59 22.94
CA GLY A 40 -16.81 21.14 22.40
C GLY A 40 -17.89 20.14 22.04
N THR A 41 -18.99 20.65 21.50
CA THR A 41 -20.15 19.84 21.18
C THR A 41 -20.07 19.08 19.86
N SER A 42 -19.65 19.77 18.81
CA SER A 42 -19.63 19.18 17.47
C SER A 42 -18.36 18.36 17.25
N VAL A 43 -18.26 17.27 18.00
CA VAL A 43 -17.10 16.41 17.96
C VAL A 43 -16.95 15.69 16.62
N THR A 44 -15.72 15.53 16.14
CA THR A 44 -15.47 14.87 14.87
C THR A 44 -14.34 13.84 14.92
N LEU A 45 -14.69 12.58 15.15
CA LEU A 45 -13.72 11.50 15.04
C LEU A 45 -13.47 11.16 13.58
N PRO A 46 -12.23 10.75 13.24
CA PRO A 46 -11.90 10.33 11.88
C PRO A 46 -12.68 9.10 11.44
N GLY A 47 -13.00 9.00 10.15
CA GLY A 47 -13.73 7.87 9.63
C GLY A 47 -12.80 6.73 9.28
N ILE A 48 -13.34 5.66 8.71
CA ILE A 48 -12.51 4.51 8.37
C ILE A 48 -11.58 4.79 7.18
N THR A 49 -11.86 5.87 6.47
CA THR A 49 -10.92 6.33 5.45
C THR A 49 -9.64 6.79 6.10
N ILE A 50 -9.76 7.26 7.34
CA ILE A 50 -8.69 7.70 8.24
C ILE A 50 -7.73 8.71 7.62
N GLY A 51 -6.73 9.11 8.39
CA GLY A 51 -5.58 9.81 7.86
C GLY A 51 -5.66 11.30 7.60
N THR A 52 -4.59 11.81 6.99
CA THR A 52 -4.43 13.21 6.61
C THR A 52 -4.53 14.20 7.76
N ASP A 53 -3.99 13.84 8.91
CA ASP A 53 -3.90 14.80 10.01
C ASP A 53 -2.79 15.80 9.74
N SER A 54 -2.96 17.02 10.23
CA SER A 54 -1.90 18.03 10.16
C SER A 54 -1.10 17.98 11.46
N SER A 55 -0.62 19.14 11.90
CA SER A 55 0.14 19.22 13.14
C SER A 55 1.33 18.27 13.13
N LEU A 56 1.69 17.73 14.28
CA LEU A 56 2.83 16.84 14.33
C LEU A 56 2.56 15.66 15.25
N ARG A 57 1.77 15.88 16.30
CA ARG A 57 1.33 14.76 17.10
C ARG A 57 0.38 13.93 16.28
N GLN A 58 0.52 12.62 16.34
CA GLN A 58 -0.24 11.74 15.47
C GLN A 58 -0.16 10.29 15.92
N SER A 59 -1.20 9.53 15.63
CA SER A 59 -1.31 8.15 16.08
C SER A 59 -0.30 7.26 15.38
N VAL A 60 0.06 6.16 16.03
CA VAL A 60 0.99 5.20 15.44
C VAL A 60 0.43 4.58 14.17
N LEU A 61 -0.87 4.32 14.17
CA LEU A 61 -1.54 3.81 12.98
C LEU A 61 -1.44 4.86 11.91
N ASN A 62 -1.58 6.10 12.36
CA ASN A 62 -1.57 7.23 11.45
C ASN A 62 -0.19 7.42 10.85
N ILE A 63 0.84 6.99 11.57
CA ILE A 63 2.20 7.07 11.05
C ILE A 63 2.52 5.93 10.09
N ILE A 64 2.09 4.72 10.43
CA ILE A 64 2.29 3.57 9.55
C ILE A 64 1.53 3.78 8.25
N SER A 65 0.50 4.62 8.32
CA SER A 65 -0.40 4.82 7.21
C SER A 65 0.26 5.33 5.94
N TYR A 66 1.35 6.07 6.06
CA TYR A 66 1.94 6.73 4.91
C TYR A 66 2.75 5.87 3.96
N MET A 67 3.10 4.65 4.36
CA MET A 67 3.86 3.79 3.46
C MET A 67 2.98 3.00 2.51
N TYR A 68 1.66 3.06 2.69
CA TYR A 68 0.78 2.22 1.90
C TYR A 68 -0.22 3.02 1.10
N ARG A 69 -1.11 2.33 0.40
CA ARG A 69 -2.05 2.97 -0.50
C ARG A 69 -3.48 2.51 -0.31
N PHE A 70 -3.65 1.24 0.05
CA PHE A 70 -4.98 0.70 0.28
C PHE A 70 -5.20 0.24 1.70
N THR A 71 -6.45 0.36 2.15
CA THR A 71 -6.85 -0.13 3.46
C THR A 71 -8.13 -0.92 3.38
N LYS A 72 -8.34 -1.82 4.33
CA LYS A 72 -9.64 -2.47 4.44
C LYS A 72 -9.89 -3.08 5.81
N GLY A 73 -11.11 -2.94 6.31
CA GLY A 73 -11.47 -3.49 7.61
C GLY A 73 -11.92 -2.48 8.64
N SER A 74 -12.54 -2.97 9.71
CA SER A 74 -13.09 -2.15 10.79
C SER A 74 -12.01 -1.52 11.67
N ILE A 75 -12.33 -0.41 12.33
CA ILE A 75 -11.35 0.21 13.25
C ILE A 75 -11.94 0.49 14.63
N SER A 76 -11.09 0.47 15.65
CA SER A 76 -11.53 0.57 17.02
C SER A 76 -11.21 1.88 17.71
N TYR A 77 -12.04 2.25 18.67
CA TYR A 77 -11.86 3.47 19.46
C TYR A 77 -11.98 3.23 20.95
N LYS A 78 -11.13 3.90 21.71
CA LYS A 78 -11.35 4.06 23.15
C LYS A 78 -11.56 5.54 23.43
N ILE A 79 -12.51 5.85 24.31
CA ILE A 79 -12.83 7.25 24.61
C ILE A 79 -12.93 7.49 26.10
N ILE A 80 -12.27 8.54 26.59
CA ILE A 80 -12.32 8.89 28.00
C ILE A 80 -12.79 10.32 28.21
N PRO A 81 -14.08 10.50 28.53
CA PRO A 81 -14.68 11.79 28.84
C PRO A 81 -14.10 12.45 30.09
N LYS A 82 -14.01 13.77 30.07
CA LYS A 82 -13.46 14.52 31.19
C LYS A 82 -14.46 14.70 32.33
N ILE A 83 -15.68 15.10 32.01
CA ILE A 83 -16.75 15.16 32.99
C ILE A 83 -17.55 13.88 32.96
N LYS A 84 -17.60 13.19 34.08
CA LYS A 84 -18.27 11.89 34.13
C LYS A 84 -19.78 12.05 34.07
N GLY A 85 -20.44 11.03 33.56
CA GLY A 85 -21.87 11.05 33.35
C GLY A 85 -22.15 10.27 32.10
N ASP A 86 -23.40 9.86 31.90
CA ASP A 86 -23.73 8.98 30.80
C ASP A 86 -23.66 9.66 29.43
N LEU A 87 -23.41 8.87 28.40
CA LEU A 87 -23.41 9.36 27.04
C LEU A 87 -23.83 8.30 26.03
N TYR A 88 -24.08 8.75 24.81
CA TYR A 88 -24.59 7.92 23.73
C TYR A 88 -23.69 7.98 22.51
N ILE A 89 -23.68 6.88 21.75
CA ILE A 89 -22.87 6.75 20.54
C ILE A 89 -23.73 6.30 19.37
N THR A 90 -23.55 6.92 18.21
CA THR A 90 -24.40 6.68 17.05
C THR A 90 -23.62 6.92 15.76
N THR A 91 -23.99 6.25 14.67
CA THR A 91 -23.42 6.56 13.38
C THR A 91 -24.29 7.51 12.58
N SER A 92 -23.73 8.06 11.50
CA SER A 92 -24.44 9.02 10.66
C SER A 92 -23.83 9.13 9.27
N SER A 93 -24.47 9.91 8.41
CA SER A 93 -23.91 10.22 7.10
C SER A 93 -24.43 11.56 6.61
N ALA A 94 -23.77 12.13 5.61
CA ALA A 94 -24.08 13.50 5.19
C ALA A 94 -25.50 13.65 4.65
N ASP A 95 -26.00 12.61 3.98
CA ASP A 95 -27.38 12.60 3.54
C ASP A 95 -28.35 12.45 4.70
N ASN A 96 -27.86 11.78 5.74
CA ASN A 96 -28.72 11.27 6.80
C ASN A 96 -29.15 12.38 7.76
N ILE A 97 -28.50 13.54 7.65
CA ILE A 97 -28.70 14.64 8.56
C ILE A 97 -29.98 15.45 8.24
N GLU A 98 -30.56 16.09 9.25
CA GLU A 98 -31.80 16.85 9.07
C GLU A 98 -31.74 18.23 9.74
N LEU A 99 -32.51 19.18 9.21
CA LEU A 99 -32.50 20.55 9.72
C LEU A 99 -33.85 21.02 10.22
N ASN A 100 -34.67 20.09 10.71
CA ASN A 100 -36.02 20.42 11.16
C ASN A 100 -35.98 21.27 12.43
N SER A 101 -34.84 21.22 13.12
CA SER A 101 -34.63 21.94 14.37
C SER A 101 -35.60 21.50 15.45
N ASN A 102 -36.05 20.26 15.35
CA ASN A 102 -36.71 19.55 16.44
C ASN A 102 -36.29 18.10 16.38
N ALA A 103 -35.71 17.74 15.24
CA ALA A 103 -35.10 16.45 15.05
C ALA A 103 -33.78 16.39 15.80
N TYR A 104 -33.37 15.19 16.19
CA TYR A 104 -32.07 15.01 16.80
C TYR A 104 -31.49 13.65 16.47
N SER A 105 -30.24 13.45 16.83
CA SER A 105 -29.42 12.40 16.24
C SER A 105 -29.99 10.99 16.42
N PHE A 106 -30.80 10.80 17.46
CA PHE A 106 -31.44 9.52 17.69
C PHE A 106 -32.50 9.18 16.65
N ASP A 107 -33.00 10.18 15.93
CA ASP A 107 -34.15 9.99 15.06
C ASP A 107 -33.93 9.06 13.89
N VAL A 108 -32.72 9.02 13.35
CA VAL A 108 -32.38 7.92 12.46
C VAL A 108 -32.21 6.68 13.32
N ASN A 109 -32.61 5.53 12.82
CA ASN A 109 -32.55 4.33 13.63
C ASN A 109 -31.30 3.50 13.36
N ARG A 110 -30.14 4.11 13.58
CA ARG A 110 -28.87 3.42 13.43
C ARG A 110 -28.50 2.65 14.68
N ALA A 111 -27.44 1.86 14.58
CA ALA A 111 -26.91 1.15 15.72
C ALA A 111 -26.50 2.13 16.79
N LEU A 112 -26.80 1.79 18.05
CA LEU A 112 -26.69 2.75 19.14
C LEU A 112 -25.91 2.15 20.28
N HIS A 113 -25.29 2.99 21.10
CA HIS A 113 -24.61 2.48 22.27
C HIS A 113 -24.68 3.44 23.45
N TYR A 114 -25.27 2.98 24.54
CA TYR A 114 -25.36 3.79 25.76
C TYR A 114 -24.31 3.41 26.78
N GLN A 115 -23.87 4.37 27.57
CA GLN A 115 -22.99 4.05 28.68
C GLN A 115 -22.91 5.13 29.74
N ASN A 116 -23.09 4.74 31.00
CA ASN A 116 -22.80 5.64 32.10
C ASN A 116 -21.33 5.55 32.45
N THR A 117 -20.64 6.68 32.37
CA THR A 117 -19.19 6.69 32.57
C THR A 117 -18.78 6.69 34.03
N ALA A 118 -19.73 6.92 34.92
CA ALA A 118 -19.41 6.90 36.34
C ALA A 118 -19.04 5.50 36.79
N LEU A 119 -19.50 4.50 36.05
CA LEU A 119 -19.26 3.10 36.37
C LEU A 119 -18.18 2.52 35.49
N ASN A 120 -18.27 2.85 34.21
CA ASN A 120 -17.30 2.42 33.20
C ASN A 120 -16.77 3.59 32.41
N PRO A 121 -15.73 4.25 32.94
CA PRO A 121 -15.13 5.46 32.39
C PRO A 121 -14.61 5.29 30.96
N VAL A 122 -14.16 4.10 30.61
CA VAL A 122 -13.54 3.90 29.30
C VAL A 122 -14.52 3.36 28.27
N VAL A 123 -15.01 4.25 27.40
CA VAL A 123 -15.86 3.83 26.30
C VAL A 123 -15.07 3.02 25.28
N GLN A 124 -15.64 1.93 24.79
CA GLN A 124 -14.99 1.06 23.83
C GLN A 124 -15.90 0.74 22.67
N VAL A 125 -15.59 1.27 21.49
CA VAL A 125 -16.50 1.10 20.36
C VAL A 125 -15.77 0.69 19.10
N SER A 126 -16.26 -0.34 18.43
CA SER A 126 -15.68 -0.75 17.17
C SER A 126 -16.57 -0.36 15.99
N LEU A 127 -15.98 0.26 14.99
CA LEU A 127 -16.70 0.74 13.84
C LEU A 127 -16.44 -0.17 12.65
N PRO A 128 -17.50 -0.80 12.13
CA PRO A 128 -17.51 -1.83 11.08
C PRO A 128 -17.11 -1.33 9.71
N TYR A 129 -17.23 -2.19 8.71
CA TYR A 129 -16.75 -1.87 7.39
C TYR A 129 -17.85 -1.98 6.36
N TYR A 130 -18.61 -0.91 6.19
CA TYR A 130 -19.63 -0.88 5.16
C TYR A 130 -19.15 -0.08 3.97
N CYS A 131 -18.53 -0.75 3.00
CA CYS A 131 -18.24 -0.10 1.74
C CYS A 131 -18.61 -1.00 0.58
N PRO A 132 -19.09 -0.40 -0.52
CA PRO A 132 -19.35 -1.10 -1.76
C PRO A 132 -18.12 -1.79 -2.35
N SER A 133 -16.94 -1.18 -2.17
CA SER A 133 -15.74 -1.66 -2.82
C SER A 133 -14.85 -2.48 -1.91
N GLU A 134 -14.19 -3.48 -2.49
CA GLU A 134 -13.30 -4.35 -1.75
C GLU A 134 -12.08 -3.63 -1.21
N ASN A 135 -11.73 -2.52 -1.85
CA ASN A 135 -10.57 -1.74 -1.45
C ASN A 135 -10.90 -0.29 -1.27
N LEU A 136 -10.07 0.41 -0.50
CA LEU A 136 -10.19 1.86 -0.34
C LEU A 136 -8.85 2.54 -0.43
N VAL A 137 -8.68 3.39 -1.42
CA VAL A 137 -7.50 4.24 -1.43
C VAL A 137 -7.60 5.14 -0.21
N ILE A 138 -6.47 5.38 0.46
CA ILE A 138 -6.51 6.13 1.72
C ILE A 138 -6.96 7.56 1.47
N ASP A 139 -7.77 8.09 2.37
CA ASP A 139 -8.41 9.40 2.19
C ASP A 139 -9.16 9.46 0.87
N SER A 140 -9.91 8.42 0.56
CA SER A 140 -10.75 8.43 -0.62
C SER A 140 -11.89 9.43 -0.46
N THR A 141 -12.24 10.12 -1.54
CA THR A 141 -13.39 11.00 -1.53
C THR A 141 -14.43 10.55 -2.54
N SER A 142 -14.21 9.38 -3.12
CA SER A 142 -15.10 8.86 -4.14
C SER A 142 -16.41 8.38 -3.54
N PHE A 143 -16.45 8.26 -2.22
CA PHE A 143 -17.65 7.79 -1.54
C PHE A 143 -18.04 8.75 -0.43
N PRO A 144 -18.75 9.82 -0.79
CA PRO A 144 -19.15 10.91 0.11
C PRO A 144 -20.00 10.47 1.30
N ASN A 145 -20.83 9.46 1.12
CA ASN A 145 -21.79 9.09 2.14
C ASN A 145 -21.36 7.99 3.10
N LEU A 146 -20.06 7.73 3.19
CA LEU A 146 -19.60 6.71 4.12
C LEU A 146 -19.98 7.08 5.54
N SER A 147 -20.27 6.07 6.36
CA SER A 147 -20.72 6.31 7.72
C SER A 147 -19.64 6.96 8.57
N ASN A 148 -20.09 7.82 9.47
CA ASN A 148 -19.19 8.59 10.30
C ASN A 148 -19.76 8.65 11.70
N LEU A 149 -18.89 8.54 12.69
CA LEU A 149 -19.31 8.43 14.07
C LEU A 149 -19.74 9.77 14.65
N VAL A 150 -20.69 9.74 15.58
CA VAL A 150 -21.07 10.90 16.38
C VAL A 150 -21.45 10.45 17.77
N LEU A 151 -21.23 11.33 18.73
CA LEU A 151 -21.52 11.01 20.11
C LEU A 151 -22.19 12.17 20.80
N THR A 152 -23.16 11.88 21.65
CA THR A 152 -23.86 12.96 22.34
C THR A 152 -24.18 12.62 23.77
N ASN A 153 -23.93 13.56 24.66
CA ASN A 153 -24.63 13.59 25.93
C ASN A 153 -26.02 14.13 25.61
N LEU A 154 -27.01 13.73 26.38
CA LEU A 154 -28.29 14.40 26.28
C LEU A 154 -28.10 15.77 26.91
N GLU A 155 -28.92 16.74 26.51
CA GLU A 155 -28.86 18.14 26.97
C GLU A 155 -27.79 18.90 26.21
N ARG A 156 -26.95 18.18 25.48
CA ARG A 156 -26.08 18.78 24.48
C ARG A 156 -25.06 19.75 25.11
N SER A 157 -24.56 19.40 26.29
CA SER A 157 -23.54 20.19 26.97
C SER A 157 -22.14 19.98 26.43
N SER A 158 -21.27 20.98 26.60
CA SER A 158 -19.88 20.90 26.16
C SER A 158 -19.02 19.97 27.00
N ASN A 159 -18.05 19.31 26.36
CA ASN A 159 -17.16 18.38 27.04
C ASN A 159 -15.90 18.05 26.24
N THR A 160 -14.86 17.58 26.91
CA THR A 160 -13.63 17.16 26.22
C THR A 160 -13.45 15.65 26.29
N TYR A 161 -12.70 15.09 25.35
CA TYR A 161 -12.55 13.64 25.30
C TYR A 161 -11.13 13.24 24.95
N THR A 162 -10.63 12.21 25.63
CA THR A 162 -9.33 11.64 25.29
C THR A 162 -9.53 10.37 24.47
N VAL A 163 -9.18 10.46 23.20
CA VAL A 163 -9.50 9.41 22.24
C VAL A 163 -8.26 8.64 21.84
N LEU A 164 -8.40 7.35 21.60
CA LEU A 164 -7.26 6.58 21.13
C LEU A 164 -7.68 5.40 20.26
N VAL A 165 -7.19 5.42 19.03
CA VAL A 165 -7.62 4.53 17.97
C VAL A 165 -6.75 3.31 17.78
N SER A 166 -7.28 2.28 17.12
CA SER A 166 -6.48 1.11 16.82
C SER A 166 -7.05 0.33 15.63
N ALA A 167 -6.20 -0.39 14.94
CA ALA A 167 -6.66 -1.23 13.85
C ALA A 167 -7.53 -2.34 14.40
N GLY A 168 -8.62 -2.66 13.70
CA GLY A 168 -9.48 -3.75 14.13
C GLY A 168 -8.79 -5.03 13.74
N ASP A 169 -9.27 -6.15 14.25
CA ASP A 169 -8.64 -7.43 13.94
C ASP A 169 -8.85 -7.77 12.48
N ASP A 170 -9.87 -7.17 11.89
CA ASP A 170 -10.24 -7.41 10.52
C ASP A 170 -9.37 -6.62 9.53
N HIS A 171 -8.67 -5.61 10.04
CA HIS A 171 -8.00 -4.61 9.21
C HIS A 171 -6.68 -5.03 8.55
N THR A 172 -6.39 -4.44 7.38
CA THR A 172 -5.07 -4.50 6.72
C THR A 172 -4.77 -3.33 5.78
N PHE A 173 -3.49 -3.19 5.46
CA PHE A 173 -2.98 -2.29 4.45
C PHE A 173 -2.40 -3.05 3.26
N SER A 174 -2.33 -2.41 2.09
CA SER A 174 -1.74 -3.06 0.91
C SER A 174 -1.23 -2.04 -0.11
N GLN A 175 -0.37 -2.51 -1.02
CA GLN A 175 0.44 -1.67 -1.91
C GLN A 175 1.45 -0.84 -1.15
N LEU A 176 2.72 -1.16 -1.34
CA LEU A 176 3.80 -0.48 -0.62
C LEU A 176 4.38 0.68 -1.41
N ALA A 177 3.91 1.88 -1.09
CA ALA A 177 4.58 3.10 -1.50
C ALA A 177 5.80 3.35 -0.63
N GLY A 178 6.77 4.11 -1.13
CA GLY A 178 7.97 4.40 -0.36
C GLY A 178 7.71 5.43 0.72
N CYS A 179 8.68 5.60 1.62
CA CYS A 179 8.52 6.49 2.76
C CYS A 179 8.49 7.98 2.54
N PRO A 180 7.70 8.66 3.38
CA PRO A 180 7.67 10.08 3.66
C PRO A 180 8.95 10.56 4.32
N ALA A 181 9.33 11.81 4.11
CA ALA A 181 10.34 12.41 4.96
C ALA A 181 9.80 12.44 6.39
N PHE A 182 10.66 12.26 7.38
CA PHE A 182 10.21 12.26 8.77
C PHE A 182 11.29 12.73 9.72
N THR A 183 10.85 13.44 10.75
CA THR A 183 11.74 13.94 11.80
C THR A 183 12.07 12.82 12.77
N ILE A 184 13.21 12.90 13.44
CA ILE A 184 13.54 11.86 14.42
C ILE A 184 13.81 12.36 15.84
N GLY A 185 14.73 13.29 16.00
CA GLY A 185 15.12 13.70 17.34
C GLY A 185 14.23 14.76 17.95
N PRO A 186 14.48 15.07 19.23
CA PRO A 186 13.82 16.19 19.92
C PRO A 186 14.19 17.49 19.24
N SER A 187 13.28 18.45 19.23
CA SER A 187 13.55 19.72 18.58
C SER A 187 14.76 20.40 19.18
N ARG A 188 15.63 20.91 18.32
CA ARG A 188 16.82 21.61 18.75
C ARG A 188 16.46 23.01 19.20
N SER A 189 17.32 23.61 20.02
CA SER A 189 17.08 24.96 20.52
C SER A 189 15.66 25.11 21.03
N ALA A 190 15.29 26.34 21.39
CA ALA A 190 13.95 26.62 21.90
C ALA A 190 12.88 26.19 20.91
N SER B 4 -52.44 -27.40 -40.69
CA SER B 4 -53.60 -27.99 -41.33
C SER B 4 -54.86 -27.20 -41.03
N VAL B 5 -54.68 -25.95 -40.62
CA VAL B 5 -55.80 -25.07 -40.28
C VAL B 5 -55.60 -23.71 -40.93
N THR B 6 -56.68 -23.14 -41.45
CA THR B 6 -56.62 -21.83 -42.08
C THR B 6 -56.16 -20.82 -41.07
N ASN B 7 -55.21 -19.99 -41.48
CA ASN B 7 -54.63 -18.99 -40.61
C ASN B 7 -55.42 -17.70 -40.64
N THR B 8 -56.29 -17.52 -39.65
CA THR B 8 -57.10 -16.32 -39.56
C THR B 8 -56.17 -15.13 -39.37
N GLY B 9 -56.47 -14.04 -40.07
CA GLY B 9 -55.57 -12.91 -40.08
C GLY B 9 -55.42 -12.26 -38.72
N GLY B 10 -54.60 -12.88 -37.88
CA GLY B 10 -54.29 -12.31 -36.58
C GLY B 10 -55.18 -12.71 -35.42
N LEU B 11 -56.12 -13.62 -35.64
CA LEU B 11 -56.91 -14.14 -34.53
C LEU B 11 -56.36 -15.48 -34.02
N MET B 12 -56.13 -15.52 -32.73
CA MET B 12 -55.55 -16.68 -32.04
C MET B 12 -54.21 -17.19 -32.62
N PRO B 13 -53.18 -16.33 -32.69
CA PRO B 13 -51.82 -16.81 -32.90
C PRO B 13 -51.28 -17.58 -31.71
N SER B 14 -50.32 -18.47 -31.93
CA SER B 14 -49.67 -19.18 -30.84
C SER B 14 -49.03 -18.19 -29.88
N ALA B 15 -49.13 -18.44 -28.59
CA ALA B 15 -48.72 -17.46 -27.59
C ALA B 15 -47.47 -17.86 -26.82
N THR B 16 -46.83 -18.95 -27.21
CA THR B 16 -45.70 -19.45 -26.45
C THR B 16 -44.36 -19.33 -27.16
N ILE B 17 -44.40 -18.80 -28.39
CA ILE B 17 -43.21 -18.72 -29.23
C ILE B 17 -42.17 -17.76 -28.67
N SER B 18 -40.91 -18.15 -28.73
CA SER B 18 -39.81 -17.25 -28.41
C SER B 18 -38.54 -17.70 -29.11
N ASN B 19 -37.87 -16.78 -29.81
CA ASN B 19 -36.63 -17.12 -30.49
C ASN B 19 -35.79 -15.91 -30.82
N SER B 20 -34.48 -16.08 -30.75
CA SER B 20 -33.51 -15.05 -31.09
C SER B 20 -33.31 -14.90 -32.58
N GLU B 21 -32.92 -13.70 -33.01
CA GLU B 21 -32.52 -13.48 -34.39
C GLU B 21 -31.01 -13.26 -34.41
N GLY B 22 -30.59 -12.11 -33.91
CA GLY B 22 -29.18 -11.82 -33.79
C GLY B 22 -28.63 -12.38 -32.50
N ALA B 23 -27.36 -12.09 -32.23
CA ALA B 23 -26.75 -12.50 -30.97
C ALA B 23 -27.46 -11.80 -29.82
N THR B 24 -27.99 -10.63 -30.10
CA THR B 24 -28.91 -9.96 -29.20
C THR B 24 -30.33 -10.07 -29.73
N MET B 25 -31.24 -9.33 -29.11
CA MET B 25 -32.62 -9.20 -29.58
C MET B 25 -33.40 -10.51 -29.67
N LEU B 26 -34.21 -10.75 -28.64
CA LEU B 26 -35.20 -11.81 -28.65
C LEU B 26 -36.41 -11.37 -29.47
N LEU B 27 -37.14 -12.33 -30.01
CA LEU B 27 -38.26 -11.98 -30.88
C LEU B 27 -39.49 -12.81 -30.53
N ASN B 28 -40.65 -12.21 -30.68
CA ASN B 28 -41.91 -12.77 -30.21
C ASN B 28 -42.55 -13.82 -31.11
N ASP B 29 -42.11 -13.92 -32.36
CA ASP B 29 -42.72 -14.85 -33.31
C ASP B 29 -41.80 -15.19 -34.47
N ILE B 30 -41.90 -16.43 -34.95
CA ILE B 30 -41.05 -16.93 -36.02
C ILE B 30 -41.40 -16.39 -37.40
N PRO B 31 -40.39 -15.91 -38.13
CA PRO B 31 -40.49 -15.64 -39.57
C PRO B 31 -40.73 -16.93 -40.34
N ASP B 32 -41.51 -16.87 -41.41
CA ASP B 32 -41.80 -18.06 -42.20
C ASP B 32 -40.80 -18.24 -43.33
N PRO B 33 -40.09 -19.38 -43.32
CA PRO B 33 -39.04 -19.67 -44.29
C PRO B 33 -39.57 -20.15 -45.63
N THR B 34 -40.51 -19.44 -46.21
CA THR B 34 -40.97 -19.79 -47.55
C THR B 34 -40.37 -18.87 -48.60
N GLN B 35 -39.92 -19.47 -49.69
CA GLN B 35 -39.43 -18.76 -50.85
C GLN B 35 -39.17 -19.78 -51.93
N ASN B 36 -39.21 -19.34 -53.18
CA ASN B 36 -39.12 -20.27 -54.29
C ASN B 36 -37.79 -21.01 -54.47
N VAL B 37 -36.66 -20.41 -54.11
CA VAL B 37 -35.36 -21.07 -54.30
C VAL B 37 -34.34 -20.82 -53.19
N PHE B 38 -33.44 -21.77 -52.99
CA PHE B 38 -32.34 -21.61 -52.05
C PHE B 38 -30.99 -21.74 -52.75
N LEU B 39 -30.28 -20.62 -52.86
CA LEU B 39 -29.04 -20.56 -53.63
C LEU B 39 -27.78 -20.62 -52.76
N SER B 40 -26.64 -20.81 -53.40
CA SER B 40 -25.39 -21.06 -52.68
C SER B 40 -24.34 -19.95 -52.79
N ARG B 41 -23.18 -20.23 -52.22
CA ARG B 41 -22.12 -19.25 -51.98
C ARG B 41 -21.37 -18.82 -53.23
N ASN B 42 -21.52 -19.58 -54.31
CA ASN B 42 -20.84 -19.30 -55.58
C ASN B 42 -19.32 -19.47 -55.48
N VAL B 43 -18.60 -18.39 -55.16
CA VAL B 43 -17.15 -18.36 -55.31
C VAL B 43 -16.35 -19.34 -54.45
N THR B 44 -15.39 -19.99 -55.09
CA THR B 44 -14.32 -20.69 -54.40
C THR B 44 -13.29 -19.65 -53.97
N ASP B 45 -12.58 -19.88 -52.88
CA ASP B 45 -11.67 -18.89 -52.33
C ASP B 45 -10.50 -18.50 -53.24
N ASN B 46 -9.71 -19.46 -53.71
CA ASN B 46 -8.57 -19.17 -54.60
C ASN B 46 -7.62 -18.08 -54.13
N LEU B 47 -7.11 -18.17 -52.91
CA LEU B 47 -6.28 -17.12 -52.38
C LEU B 47 -5.17 -17.63 -51.48
N PHE B 48 -4.12 -16.82 -51.35
CA PHE B 48 -3.12 -17.02 -50.31
C PHE B 48 -3.75 -16.88 -48.93
N GLU B 49 -3.32 -17.71 -48.00
CA GLU B 49 -3.83 -17.66 -46.64
C GLU B 49 -3.27 -16.47 -45.87
N VAL B 50 -4.03 -16.00 -44.87
CA VAL B 50 -3.62 -14.93 -43.98
C VAL B 50 -4.07 -15.29 -42.58
N GLN B 51 -3.37 -14.80 -41.55
CA GLN B 51 -3.75 -15.10 -40.17
C GLN B 51 -5.11 -14.51 -39.79
N ASP B 52 -5.86 -15.26 -38.98
CA ASP B 52 -7.24 -14.91 -38.64
C ASP B 52 -7.36 -13.77 -37.64
N GLN B 53 -8.47 -13.05 -37.70
CA GLN B 53 -8.69 -11.92 -36.82
C GLN B 53 -9.73 -12.20 -35.73
N ASN B 54 -9.42 -11.76 -34.52
CA ASN B 54 -10.24 -12.02 -33.35
C ASN B 54 -10.35 -10.74 -32.53
N LEU B 55 -11.35 -10.65 -31.66
CA LEU B 55 -11.53 -9.41 -30.94
C LEU B 55 -10.54 -9.27 -29.80
N ILE B 56 -10.41 -10.34 -29.01
CA ILE B 56 -9.47 -10.35 -27.90
C ILE B 56 -8.07 -10.22 -28.43
N GLU B 57 -7.85 -10.82 -29.59
CA GLU B 57 -6.58 -10.73 -30.27
C GLU B 57 -6.32 -9.32 -30.77
N SER B 58 -7.35 -8.69 -31.31
CA SER B 58 -7.20 -7.35 -31.84
C SER B 58 -6.90 -6.34 -30.76
N LEU B 59 -7.46 -6.57 -29.57
CA LEU B 59 -7.28 -5.60 -28.49
C LEU B 59 -5.87 -5.64 -27.91
N SER B 60 -5.17 -6.75 -28.10
CA SER B 60 -3.87 -6.94 -27.49
C SER B 60 -2.72 -6.41 -28.35
N ARG B 61 -3.06 -5.83 -29.50
CA ARG B 61 -2.04 -5.33 -30.40
C ARG B 61 -1.22 -4.22 -29.80
N GLU B 62 0.06 -4.19 -30.15
CA GLU B 62 1.01 -3.22 -29.63
C GLU B 62 0.76 -1.83 -30.21
N VAL B 63 1.04 -0.81 -29.42
CA VAL B 63 0.71 0.57 -29.75
C VAL B 63 1.88 1.48 -29.44
N LEU B 64 2.16 2.44 -30.30
CA LEU B 64 3.16 3.45 -29.98
C LEU B 64 2.62 4.41 -28.93
N LEU B 65 3.48 4.88 -28.03
CA LEU B 65 3.02 5.76 -26.96
C LEU B 65 3.80 7.06 -26.88
N GLY B 66 5.08 7.00 -27.18
CA GLY B 66 5.91 8.19 -27.14
C GLY B 66 7.25 7.98 -27.80
N THR B 67 7.90 9.08 -28.18
CA THR B 67 9.19 9.02 -28.86
C THR B 67 9.95 10.31 -28.60
N GLY B 68 11.26 10.24 -28.39
CA GLY B 68 11.98 11.47 -28.18
C GLY B 68 13.49 11.44 -28.06
N THR B 69 14.07 12.62 -28.12
CA THR B 69 15.50 12.82 -27.88
C THR B 69 15.76 12.94 -26.38
N TRP B 70 16.95 12.55 -25.94
CA TRP B 70 17.40 12.78 -24.57
C TRP B 70 18.85 13.19 -24.54
N GLN B 71 19.16 14.18 -23.72
CA GLN B 71 20.42 14.86 -23.81
C GLN B 71 20.96 15.38 -22.49
N SER B 72 22.23 15.78 -22.51
CA SER B 72 22.97 16.06 -21.30
C SER B 72 22.46 17.21 -20.46
N GLY B 73 21.82 18.19 -21.10
CA GLY B 73 21.48 19.42 -20.41
C GLY B 73 20.32 19.28 -19.44
N GLN B 74 19.55 18.20 -19.58
CA GLN B 74 18.38 18.00 -18.76
C GLN B 74 18.72 17.62 -17.33
N ALA B 75 17.87 18.07 -16.40
CA ALA B 75 18.13 17.96 -14.97
C ALA B 75 18.02 16.53 -14.44
N GLU B 76 18.82 16.23 -13.42
CA GLU B 76 18.79 14.96 -12.74
C GLU B 76 17.98 15.08 -11.45
N ILE B 77 17.27 14.02 -11.07
CA ILE B 77 16.37 14.07 -9.93
C ILE B 77 17.11 14.26 -8.59
N SER B 78 16.52 15.06 -7.71
CA SER B 78 17.15 15.43 -6.44
C SER B 78 17.20 14.31 -5.42
N THR B 79 18.27 14.29 -4.64
CA THR B 79 18.41 13.38 -3.52
C THR B 79 17.49 13.76 -2.37
N THR B 80 17.17 15.06 -2.29
CA THR B 80 16.55 15.60 -1.09
C THR B 80 15.61 16.76 -1.38
N LEU B 81 14.90 17.19 -0.35
CA LEU B 81 13.96 18.31 -0.46
C LEU B 81 14.29 19.43 0.50
N THR B 82 13.86 20.64 0.17
CA THR B 82 13.97 21.76 1.07
C THR B 82 12.56 22.24 1.39
N GLU B 83 12.43 23.23 2.27
CA GLU B 83 11.11 23.65 2.73
C GLU B 83 10.13 24.20 1.72
N GLN B 84 10.55 25.19 0.96
CA GLN B 84 9.59 25.92 0.16
C GLN B 84 8.97 24.98 -0.85
N GLN B 85 9.74 23.98 -1.26
CA GLN B 85 9.23 22.96 -2.16
C GLN B 85 8.58 21.79 -1.42
N LEU B 86 8.75 21.72 -0.10
CA LEU B 86 8.12 20.64 0.63
C LEU B 86 6.68 20.99 0.98
N ILE B 87 6.46 22.25 1.29
CA ILE B 87 5.13 22.75 1.60
C ILE B 87 4.22 22.82 0.36
N THR B 88 4.81 22.98 -0.81
CA THR B 88 4.06 23.31 -2.01
C THR B 88 3.77 22.11 -2.91
N ASN B 89 3.97 20.92 -2.39
CA ASN B 89 3.67 19.69 -3.11
C ASN B 89 4.47 19.55 -4.41
N TYR B 90 5.77 19.83 -4.32
CA TYR B 90 6.67 19.79 -5.47
C TYR B 90 6.76 18.40 -6.09
N GLU B 91 6.81 18.35 -7.42
CA GLU B 91 6.98 17.09 -8.14
C GLU B 91 8.34 17.01 -8.79
N GLN B 92 8.93 15.82 -8.75
CA GLN B 92 10.28 15.63 -9.24
C GLN B 92 10.25 15.61 -10.77
N PRO B 93 11.17 16.33 -11.42
CA PRO B 93 11.20 16.50 -12.88
C PRO B 93 11.43 15.20 -13.63
N SER B 94 10.84 15.09 -14.82
CA SER B 94 10.91 13.87 -15.61
C SER B 94 10.91 14.13 -17.11
N ILE B 95 11.54 13.23 -17.85
CA ILE B 95 11.61 13.35 -19.29
C ILE B 95 10.23 13.28 -19.89
N ARG B 96 9.47 12.27 -19.50
CA ARG B 96 8.09 12.13 -19.92
C ARG B 96 7.27 11.47 -18.84
N GLN B 97 5.98 11.80 -18.82
CA GLN B 97 5.02 11.09 -18.01
C GLN B 97 3.82 10.70 -18.86
N ILE B 98 3.16 9.63 -18.48
CA ILE B 98 2.10 9.05 -19.29
C ILE B 98 0.94 8.53 -18.44
N SER B 99 -0.26 9.04 -18.71
CA SER B 99 -1.46 8.55 -18.06
C SER B 99 -1.89 7.20 -18.61
N LEU B 100 -2.58 6.41 -17.80
CA LEU B 100 -3.18 5.17 -18.26
C LEU B 100 -4.61 5.02 -17.76
N PRO B 101 -5.47 4.36 -18.54
CA PRO B 101 -5.09 3.72 -19.79
C PRO B 101 -5.39 4.64 -20.97
N ASP B 102 -5.68 5.90 -20.66
CA ASP B 102 -6.17 6.84 -21.66
C ASP B 102 -5.18 7.04 -22.80
N ASP B 103 -3.89 7.11 -22.51
CA ASP B 103 -2.94 7.22 -23.60
C ASP B 103 -3.18 6.21 -24.71
N ILE B 104 -3.76 5.08 -24.34
CA ILE B 104 -4.03 4.02 -25.29
C ILE B 104 -5.40 4.19 -25.88
N VAL B 105 -6.41 3.97 -25.06
CA VAL B 105 -7.77 3.84 -25.52
C VAL B 105 -8.31 5.10 -26.19
N LYS B 106 -8.19 6.24 -25.51
CA LYS B 106 -8.58 7.48 -26.14
C LYS B 106 -7.44 7.99 -27.01
N GLY B 107 -6.29 7.35 -26.90
CA GLY B 107 -5.13 7.76 -27.68
C GLY B 107 -4.99 7.07 -29.02
N SER B 108 -5.65 5.94 -29.19
CA SER B 108 -5.53 5.16 -30.42
C SER B 108 -6.87 5.03 -31.11
N SER B 109 -6.99 5.65 -32.28
CA SER B 109 -8.26 5.69 -33.00
C SER B 109 -8.75 4.30 -33.35
N PHE B 110 -7.80 3.40 -33.59
CA PHE B 110 -8.11 2.02 -33.87
C PHE B 110 -8.79 1.36 -32.68
N ILE B 111 -8.16 1.43 -31.52
CA ILE B 111 -8.72 0.89 -30.29
C ILE B 111 -9.95 1.66 -29.89
N ALA B 112 -9.97 2.94 -30.21
CA ALA B 112 -11.11 3.77 -29.90
C ALA B 112 -12.32 3.28 -30.66
N SER B 113 -12.07 2.71 -31.83
CA SER B 113 -13.17 2.19 -32.63
C SER B 113 -13.54 0.76 -32.27
N LYS B 114 -12.57 -0.05 -31.85
CA LYS B 114 -12.88 -1.46 -31.58
C LYS B 114 -13.77 -1.62 -30.35
N LEU B 115 -13.74 -0.64 -29.45
CA LEU B 115 -14.46 -0.72 -28.20
C LEU B 115 -15.82 -0.06 -28.28
N ALA B 116 -16.28 0.21 -29.48
CA ALA B 116 -17.55 0.90 -29.67
C ALA B 116 -18.70 0.11 -29.08
N ASN B 117 -19.59 0.83 -28.41
CA ASN B 117 -20.78 0.25 -27.82
C ASN B 117 -20.52 -0.94 -26.90
N ILE B 118 -19.52 -0.83 -26.03
CA ILE B 118 -19.39 -1.80 -24.94
C ILE B 118 -19.29 -1.01 -23.64
N ALA B 119 -19.90 -1.55 -22.59
CA ALA B 119 -20.15 -0.75 -21.39
C ALA B 119 -18.94 -0.54 -20.49
N TYR B 120 -18.22 -1.61 -20.16
CA TYR B 120 -17.16 -1.52 -19.16
C TYR B 120 -16.06 -2.54 -19.46
N MET B 121 -14.93 -2.46 -18.77
CA MET B 121 -13.81 -3.39 -19.04
C MET B 121 -12.65 -3.40 -18.03
N ARG B 122 -11.87 -4.49 -18.02
CA ARG B 122 -10.59 -4.56 -17.27
C ARG B 122 -9.39 -4.74 -18.19
N CYS B 123 -8.21 -4.32 -17.72
CA CYS B 123 -6.99 -4.35 -18.52
C CYS B 123 -5.74 -4.56 -17.65
N ASP B 124 -4.68 -5.13 -18.23
CA ASP B 124 -3.38 -5.27 -17.58
C ASP B 124 -2.26 -4.91 -18.55
N TYR B 125 -1.54 -3.83 -18.26
CA TYR B 125 -0.61 -3.22 -19.23
C TYR B 125 0.76 -3.88 -19.32
N GLU B 126 1.39 -3.75 -20.49
CA GLU B 126 2.83 -3.97 -20.61
C GLU B 126 3.48 -2.79 -21.30
N LEU B 127 4.68 -2.44 -20.88
CA LEU B 127 5.38 -1.32 -21.47
C LEU B 127 6.79 -1.69 -21.90
N TYR B 128 7.28 -0.98 -22.90
CA TYR B 128 8.53 -1.31 -23.57
C TYR B 128 9.34 -0.07 -23.81
N LEU B 129 10.49 0.03 -23.16
CA LEU B 129 11.38 1.15 -23.42
C LEU B 129 12.52 0.72 -24.31
N ARG B 130 12.81 1.51 -25.34
CA ARG B 130 13.89 1.18 -26.26
C ARG B 130 14.74 2.40 -26.59
N VAL B 131 15.94 2.41 -26.01
CA VAL B 131 16.85 3.53 -26.12
C VAL B 131 18.01 3.18 -27.05
N GLN B 132 18.48 4.15 -27.81
CA GLN B 132 19.64 3.94 -28.65
C GLN B 132 20.64 5.08 -28.60
N GLY B 133 21.91 4.69 -28.64
CA GLY B 133 23.04 5.60 -28.59
C GLY B 133 24.33 4.83 -28.82
N SER B 134 25.43 5.56 -28.94
CA SER B 134 26.73 4.98 -29.27
C SER B 134 27.34 4.26 -28.07
N PRO B 135 28.29 3.33 -28.33
CA PRO B 135 28.98 2.59 -27.28
C PRO B 135 29.72 3.50 -26.31
N PHE B 136 30.16 4.65 -26.80
CA PHE B 136 30.94 5.56 -25.99
C PHE B 136 30.12 6.34 -24.96
N LEU B 137 28.80 6.30 -25.09
CA LEU B 137 27.92 7.06 -24.18
C LEU B 137 27.79 6.45 -22.79
N GLN B 138 27.55 7.32 -21.79
CA GLN B 138 27.31 6.90 -20.42
C GLN B 138 25.95 7.40 -19.95
N GLY B 139 25.26 6.61 -19.13
CA GLY B 139 23.95 7.04 -18.64
C GLY B 139 23.19 5.99 -17.86
N LEU B 140 22.04 6.37 -17.31
CA LEU B 140 21.20 5.43 -16.57
C LEU B 140 19.79 5.99 -16.39
N LEU B 141 18.81 5.29 -16.96
CA LEU B 141 17.41 5.72 -16.85
C LEU B 141 16.62 4.91 -15.83
N LEU B 142 15.48 5.45 -15.43
CA LEU B 142 14.53 4.70 -14.62
C LEU B 142 13.12 4.84 -15.14
N LEU B 143 12.42 3.72 -15.27
CA LEU B 143 11.04 3.72 -15.69
C LEU B 143 10.20 3.20 -14.55
N TRP B 144 9.29 4.02 -14.02
CA TRP B 144 8.61 3.61 -12.79
C TRP B 144 7.15 4.01 -12.71
N ASN B 145 6.42 3.28 -11.87
CA ASN B 145 4.97 3.39 -11.80
C ASN B 145 4.48 4.13 -10.57
N LYS B 146 4.13 5.40 -10.74
CA LYS B 146 3.40 6.11 -9.70
C LYS B 146 2.01 5.50 -9.60
N MET B 147 1.50 5.27 -8.40
CA MET B 147 0.25 4.54 -8.23
C MET B 147 -0.98 5.37 -8.57
N ASN B 148 -2.09 5.09 -7.89
CA ASN B 148 -3.35 5.74 -8.20
C ASN B 148 -3.28 7.24 -7.93
N ALA B 149 -2.47 7.62 -6.96
CA ALA B 149 -2.10 9.02 -6.78
C ALA B 149 -3.27 9.98 -6.65
N ASP B 150 -3.91 10.27 -7.76
CA ASP B 150 -4.87 11.37 -7.85
C ASP B 150 -6.11 11.19 -6.98
N GLN B 151 -6.40 9.95 -6.62
CA GLN B 151 -7.57 9.66 -5.80
C GLN B 151 -7.33 9.88 -4.31
N THR B 152 -6.12 10.28 -3.94
CA THR B 152 -5.85 10.58 -2.54
C THR B 152 -5.47 12.04 -2.31
N SER B 153 -5.08 12.36 -1.09
CA SER B 153 -4.76 13.72 -0.68
C SER B 153 -3.55 14.28 -1.40
N LYS B 154 -3.54 15.59 -1.58
CA LYS B 154 -2.45 16.26 -2.27
C LYS B 154 -1.13 16.09 -1.51
N ILE B 155 -1.22 16.04 -0.19
CA ILE B 155 -0.05 15.85 0.67
C ILE B 155 0.61 14.48 0.53
N ARG B 156 -0.20 13.45 0.29
CA ARG B 156 0.34 12.11 0.22
C ARG B 156 0.97 11.75 -1.10
N SER B 157 0.82 12.63 -2.07
CA SER B 157 1.54 12.47 -3.33
C SER B 157 2.63 13.52 -3.42
N SER B 158 3.15 13.92 -2.27
CA SER B 158 4.10 15.01 -2.23
C SER B 158 5.33 14.67 -1.42
N ILE B 159 5.12 14.04 -0.28
CA ILE B 159 6.19 13.72 0.64
C ILE B 159 6.87 12.42 0.25
N THR B 160 6.46 11.86 -0.87
CA THR B 160 7.02 10.61 -1.36
C THR B 160 7.99 10.83 -2.52
N GLU B 161 8.01 12.04 -3.07
CA GLU B 161 8.94 12.35 -4.16
C GLU B 161 10.35 12.72 -3.73
N HIS B 162 11.19 11.70 -3.56
CA HIS B 162 12.62 11.91 -3.43
C HIS B 162 13.32 10.61 -3.79
N LEU B 163 14.61 10.68 -4.08
CA LEU B 163 15.33 9.59 -4.72
C LEU B 163 15.16 8.21 -4.11
N ARG B 164 15.40 8.11 -2.80
CA ARG B 164 15.41 6.83 -2.15
C ARG B 164 14.03 6.20 -2.11
N SER B 165 12.99 7.04 -2.22
CA SER B 165 11.63 6.53 -2.37
C SER B 165 11.32 6.19 -3.80
N ILE B 166 11.84 6.97 -4.73
CA ILE B 166 11.61 6.72 -6.13
C ILE B 166 12.15 5.35 -6.50
N THR B 167 13.26 4.97 -5.89
CA THR B 167 13.91 3.73 -6.28
C THR B 167 13.29 2.51 -5.62
N SER B 168 12.32 2.73 -4.73
CA SER B 168 11.65 1.61 -4.09
C SER B 168 10.23 1.36 -4.61
N PHE B 169 9.76 2.19 -5.53
CA PHE B 169 8.53 1.90 -6.28
C PHE B 169 8.76 0.79 -7.29
N PRO B 170 7.67 0.16 -7.74
CA PRO B 170 7.82 -0.78 -8.85
C PRO B 170 8.39 -0.09 -10.07
N GLY B 171 9.27 -0.75 -10.80
CA GLY B 171 9.96 -0.11 -11.90
C GLY B 171 11.17 -0.87 -12.38
N VAL B 172 11.83 -0.31 -13.38
CA VAL B 172 13.00 -0.97 -13.94
C VAL B 172 14.01 0.06 -14.44
N THR B 173 15.28 -0.19 -14.16
CA THR B 173 16.36 0.68 -14.59
C THR B 173 16.90 0.29 -15.95
N LEU B 174 17.52 1.24 -16.63
CA LEU B 174 18.15 0.93 -17.92
C LEU B 174 19.52 1.59 -18.04
N ASN B 175 20.56 0.79 -17.83
CA ASN B 175 21.92 1.18 -18.13
C ASN B 175 22.15 1.09 -19.63
N MET B 176 22.99 1.95 -20.19
CA MET B 176 23.31 1.83 -21.60
C MET B 176 24.43 0.84 -21.85
N GLN B 177 24.98 0.28 -20.79
CA GLN B 177 25.98 -0.76 -20.91
C GLN B 177 25.38 -2.00 -21.56
N SER B 178 24.09 -2.21 -21.36
CA SER B 178 23.42 -3.39 -21.90
C SER B 178 23.44 -3.38 -23.41
N ASP B 179 23.55 -4.56 -24.01
CA ASP B 179 23.55 -4.65 -25.46
C ASP B 179 22.14 -4.70 -26.02
N SER B 180 21.24 -5.35 -25.29
CA SER B 180 19.85 -5.45 -25.70
C SER B 180 19.18 -4.09 -25.73
N ARG B 181 19.55 -3.24 -24.79
CA ARG B 181 19.07 -1.86 -24.72
C ARG B 181 17.56 -1.72 -24.78
N SER B 182 16.84 -2.58 -24.08
CA SER B 182 15.38 -2.49 -24.06
C SER B 182 14.84 -3.14 -22.80
N VAL B 183 13.73 -2.62 -22.28
CA VAL B 183 13.15 -3.23 -21.10
C VAL B 183 11.65 -3.35 -21.16
N LYS B 184 11.15 -4.32 -20.41
CA LYS B 184 9.72 -4.64 -20.29
C LYS B 184 9.23 -4.38 -18.88
N LEU B 185 8.04 -3.81 -18.74
CA LEU B 185 7.49 -3.54 -17.43
C LEU B 185 5.98 -3.76 -17.35
N VAL B 186 5.56 -4.60 -16.41
CA VAL B 186 4.19 -5.06 -16.31
C VAL B 186 3.36 -4.29 -15.29
N ILE B 187 2.17 -3.84 -15.68
CA ILE B 187 1.32 -3.08 -14.76
C ILE B 187 -0.01 -3.78 -14.51
N PRO B 188 -0.17 -4.37 -13.32
CA PRO B 188 -1.42 -4.99 -12.88
C PRO B 188 -2.54 -3.99 -12.74
N TYR B 189 -3.77 -4.40 -13.02
CA TYR B 189 -4.93 -3.54 -12.82
C TYR B 189 -5.14 -3.25 -11.35
N THR B 190 -5.50 -2.01 -11.04
CA THR B 190 -5.67 -1.62 -9.65
C THR B 190 -6.57 -0.40 -9.46
N SER B 191 -7.72 -0.59 -8.83
CA SER B 191 -8.63 0.50 -8.53
C SER B 191 -9.69 0.13 -7.51
N GLU B 192 -10.47 1.11 -7.06
CA GLU B 192 -11.64 0.85 -6.24
C GLU B 192 -12.77 0.21 -7.02
N PHE B 193 -13.06 0.78 -8.19
CA PHE B 193 -14.11 0.27 -9.05
C PHE B 193 -13.63 -0.96 -9.78
N GLN B 194 -14.53 -1.90 -10.05
CA GLN B 194 -14.07 -3.14 -10.66
C GLN B 194 -13.95 -3.04 -12.16
N VAL B 195 -14.60 -2.05 -12.74
CA VAL B 195 -14.57 -1.83 -14.19
C VAL B 195 -14.71 -0.35 -14.50
N PHE B 196 -14.35 0.03 -15.72
CA PHE B 196 -14.46 1.41 -16.13
C PHE B 196 -14.89 1.48 -17.59
N ASN B 197 -15.67 2.49 -17.96
CA ASN B 197 -15.91 2.72 -19.36
C ASN B 197 -14.72 3.44 -19.95
N PRO B 198 -14.22 2.95 -21.06
CA PRO B 198 -13.00 3.42 -21.73
C PRO B 198 -13.05 4.88 -22.14
N ARG B 199 -14.22 5.40 -22.46
CA ARG B 199 -14.30 6.62 -23.23
C ARG B 199 -14.50 7.91 -22.42
N ASN B 200 -14.27 7.87 -21.11
CA ASN B 200 -14.16 9.11 -20.35
C ASN B 200 -12.87 9.21 -19.55
N GLU B 201 -12.81 10.17 -18.63
CA GLU B 201 -11.57 10.47 -17.92
C GLU B 201 -11.25 9.53 -16.76
N ASN B 202 -11.16 8.24 -17.07
CA ASN B 202 -10.85 7.25 -16.06
C ASN B 202 -9.34 7.21 -15.94
N LYS B 203 -8.80 8.25 -15.32
CA LYS B 203 -7.37 8.41 -15.24
C LYS B 203 -6.85 7.91 -13.91
N LEU B 204 -5.98 6.91 -13.99
CA LEU B 204 -5.28 6.38 -12.83
C LEU B 204 -3.88 5.94 -13.23
N ASN B 205 -3.14 5.40 -12.28
CA ASN B 205 -1.68 5.17 -12.34
C ASN B 205 -0.88 5.84 -13.48
N SER B 206 -0.08 6.84 -13.10
CA SER B 206 0.72 7.62 -14.04
C SER B 206 2.14 7.12 -14.16
N VAL B 207 2.46 6.47 -15.28
CA VAL B 207 3.82 6.01 -15.53
C VAL B 207 4.76 7.18 -15.71
N ARG B 208 5.99 7.07 -15.22
CA ARG B 208 6.96 8.16 -15.40
C ARG B 208 8.33 7.64 -15.82
N LEU B 209 9.07 8.49 -16.52
CA LEU B 209 10.45 8.17 -16.88
C LEU B 209 11.38 9.25 -16.35
N SER B 210 12.43 8.84 -15.65
CA SER B 210 13.29 9.79 -14.95
C SER B 210 14.75 9.49 -15.16
N ILE B 211 15.56 10.54 -15.28
CA ILE B 211 17.01 10.40 -15.32
C ILE B 211 17.51 9.97 -13.96
N LEU B 212 18.46 9.04 -13.91
CA LEU B 212 18.97 8.64 -12.62
C LEU B 212 20.48 8.81 -12.65
N SER B 213 21.00 9.10 -13.84
CA SER B 213 22.39 9.50 -14.05
C SER B 213 22.54 10.26 -15.35
N ALA B 214 23.16 11.43 -15.30
CA ALA B 214 23.24 12.31 -16.45
C ALA B 214 24.01 11.69 -17.61
N LEU B 215 23.51 11.91 -18.82
CA LEU B 215 24.15 11.43 -20.04
C LEU B 215 25.48 12.10 -20.27
N ARG B 216 26.50 11.34 -20.62
CA ARG B 216 27.83 11.90 -20.83
C ARG B 216 28.57 11.27 -22.00
N GLY B 217 29.29 12.11 -22.73
CA GLY B 217 30.10 11.67 -23.85
C GLY B 217 31.34 12.53 -23.91
N PRO B 218 32.31 12.14 -24.76
CA PRO B 218 33.60 12.84 -24.79
C PRO B 218 33.45 14.32 -25.11
N SER B 219 32.49 14.64 -25.96
CA SER B 219 32.18 16.02 -26.27
C SER B 219 30.97 16.46 -25.47
N THR B 220 30.81 17.77 -25.34
CA THR B 220 29.64 18.33 -24.71
C THR B 220 28.40 18.14 -25.58
N SER B 221 27.23 18.11 -24.96
CA SER B 221 25.96 18.07 -25.67
C SER B 221 25.80 16.86 -26.59
N GLU B 222 26.12 15.68 -26.07
CA GLU B 222 25.79 14.43 -26.72
C GLU B 222 24.30 14.19 -26.58
N LYS B 223 23.73 13.35 -27.45
CA LYS B 223 22.31 13.03 -27.35
C LYS B 223 21.99 11.63 -27.84
N ALA B 224 20.87 11.09 -27.39
CA ALA B 224 20.47 9.72 -27.72
C ALA B 224 18.96 9.58 -27.80
N THR B 225 18.49 8.65 -28.62
CA THR B 225 17.05 8.56 -28.92
C THR B 225 16.34 7.51 -28.08
N TYR B 226 15.02 7.62 -27.94
CA TYR B 226 14.27 6.57 -27.25
C TYR B 226 12.83 6.48 -27.72
N SER B 227 12.23 5.30 -27.50
CA SER B 227 10.83 5.06 -27.85
C SER B 227 10.10 4.24 -26.79
N ILE B 228 8.86 4.63 -26.51
CA ILE B 228 7.96 3.88 -25.64
C ILE B 228 6.90 3.13 -26.42
N MET B 229 6.61 1.89 -26.02
CA MET B 229 5.51 1.15 -26.64
C MET B 229 4.71 0.44 -25.57
N GLY B 230 3.46 0.10 -25.85
CA GLY B 230 2.65 -0.56 -24.85
C GLY B 230 1.52 -1.41 -25.38
N ARG B 231 1.07 -2.38 -24.59
CA ARG B 231 -0.05 -3.22 -25.01
C ARG B 231 -0.86 -3.78 -23.85
N MET B 232 -2.15 -3.92 -24.06
CA MET B 232 -3.02 -4.52 -23.05
C MET B 232 -2.97 -6.03 -23.05
N THR B 233 -3.25 -6.63 -21.89
CA THR B 233 -3.40 -8.08 -21.74
C THR B 233 -4.47 -8.33 -20.67
N ASN B 234 -4.86 -9.59 -20.52
CA ASN B 234 -5.86 -9.99 -19.53
C ASN B 234 -7.13 -9.17 -19.59
N ILE B 235 -7.52 -8.74 -20.78
CA ILE B 235 -8.66 -7.83 -20.87
C ILE B 235 -9.97 -8.56 -20.60
N LYS B 236 -10.92 -7.83 -20.03
CA LYS B 236 -12.26 -8.36 -19.82
C LYS B 236 -13.33 -7.32 -20.04
N LEU B 237 -13.90 -7.31 -21.24
CA LEU B 237 -15.02 -6.45 -21.58
C LEU B 237 -16.34 -6.98 -21.02
N TYR B 238 -17.27 -6.06 -20.76
CA TYR B 238 -18.45 -6.35 -19.95
C TYR B 238 -19.60 -5.37 -20.18
N GLY B 239 -20.69 -5.84 -20.78
CA GLY B 239 -21.89 -5.05 -20.97
C GLY B 239 -22.08 -4.42 -22.35
N HIS B 240 -23.31 -4.02 -22.65
CA HIS B 240 -23.64 -3.36 -23.91
C HIS B 240 -24.30 -2.02 -23.67
N ALA B 241 -23.83 -0.97 -24.34
CA ALA B 241 -24.33 0.38 -24.08
C ALA B 241 -24.03 1.34 -25.21
N PRO B 242 -24.83 2.42 -25.33
CA PRO B 242 -24.51 3.44 -26.33
C PRO B 242 -23.18 4.12 -26.04
N SER B 243 -22.42 4.49 -27.06
CA SER B 243 -21.08 4.99 -26.85
C SER B 243 -21.11 6.47 -26.47
N ILE B 244 -21.10 6.73 -25.17
CA ILE B 244 -21.29 8.07 -24.63
C ILE B 244 -20.45 8.21 -23.36
N VAL B 245 -20.04 9.42 -23.01
CA VAL B 245 -19.41 9.69 -21.73
C VAL B 245 -20.40 9.46 -20.59
N SER B 246 -19.94 8.83 -19.51
CA SER B 246 -20.77 8.55 -18.34
C SER B 246 -20.59 9.62 -17.27
N LEU B 247 -21.43 9.59 -16.23
CA LEU B 247 -21.41 10.59 -15.17
C LEU B 247 -21.23 10.03 -13.76
N SER B 248 -20.74 10.88 -12.86
CA SER B 248 -20.45 10.49 -11.48
C SER B 248 -21.64 10.73 -10.53
N TYR B 249 -21.50 10.28 -9.28
CA TYR B 249 -22.63 10.21 -8.35
C TYR B 249 -23.44 11.48 -8.06
N PRO B 250 -22.80 12.60 -7.68
CA PRO B 250 -23.63 13.76 -7.36
C PRO B 250 -24.47 14.21 -8.55
N GLN B 251 -23.94 14.04 -9.75
CA GLN B 251 -24.65 14.42 -10.97
C GLN B 251 -25.85 13.51 -11.22
N THR B 252 -26.92 14.08 -11.75
CA THR B 252 -28.13 13.32 -12.05
C THR B 252 -28.44 13.31 -13.54
N GLU B 253 -28.68 12.13 -14.08
CA GLU B 253 -28.99 11.97 -15.49
C GLU B 253 -30.38 11.39 -15.70
N SER C 1 -39.62 -25.29 45.26
CA SER C 1 -38.92 -25.07 44.00
C SER C 1 -37.81 -24.05 44.19
N LYS C 2 -37.98 -23.17 45.16
CA LYS C 2 -37.00 -22.14 45.44
C LYS C 2 -35.90 -22.70 46.31
N ASP C 3 -35.14 -23.65 45.79
CA ASP C 3 -34.12 -24.29 46.62
C ASP C 3 -32.96 -23.35 46.92
N ARG C 4 -32.35 -23.56 48.09
CA ARG C 4 -31.28 -22.74 48.58
C ARG C 4 -30.07 -22.76 47.67
N ASP C 5 -29.48 -21.60 47.39
CA ASP C 5 -28.18 -21.58 46.72
C ASP C 5 -27.08 -21.83 47.72
N LEU C 6 -25.97 -22.39 47.26
CA LEU C 6 -24.85 -22.63 48.15
C LEU C 6 -23.61 -21.92 47.63
N SER C 7 -22.96 -22.52 46.63
CA SER C 7 -21.87 -21.85 45.92
C SER C 7 -20.72 -21.41 46.81
N LYS C 8 -20.26 -20.18 46.57
CA LYS C 8 -19.07 -19.63 47.19
C LYS C 8 -18.94 -18.18 46.83
N VAL C 9 -18.65 -17.32 47.81
CA VAL C 9 -18.31 -15.95 47.48
C VAL C 9 -16.96 -15.94 46.78
N SER C 10 -16.82 -15.15 45.71
CA SER C 10 -15.54 -15.11 45.01
C SER C 10 -15.07 -13.69 44.75
N PRO C 11 -13.78 -13.43 45.00
CA PRO C 11 -13.09 -12.14 44.83
C PRO C 11 -13.00 -11.65 43.39
N TYR C 12 -13.03 -10.33 43.20
CA TYR C 12 -12.86 -9.77 41.86
C TYR C 12 -12.21 -8.41 41.92
N GLU C 13 -11.86 -7.87 40.75
CA GLU C 13 -11.31 -6.53 40.66
C GLU C 13 -11.95 -5.73 39.54
N ASN C 14 -12.18 -4.45 39.75
CA ASN C 14 -12.80 -3.62 38.72
C ASN C 14 -11.76 -2.90 37.89
N ILE C 15 -11.26 -3.56 36.86
CA ILE C 15 -10.35 -2.95 35.90
C ILE C 15 -10.94 -2.95 34.49
N PRO C 16 -11.46 -1.80 34.05
CA PRO C 16 -12.26 -1.68 32.84
C PRO C 16 -11.60 -2.13 31.54
N ALA C 17 -10.29 -1.96 31.38
CA ALA C 17 -9.64 -2.37 30.14
C ALA C 17 -8.23 -2.86 30.42
N LYS C 18 -8.10 -4.16 30.67
CA LYS C 18 -6.90 -4.69 31.30
C LYS C 18 -5.65 -4.53 30.47
N GLY C 19 -5.78 -4.55 29.15
CA GLY C 19 -4.58 -4.43 28.33
C GLY C 19 -4.86 -4.08 26.89
N PHE C 20 -4.79 -2.80 26.57
CA PHE C 20 -4.96 -2.37 25.20
C PHE C 20 -3.64 -2.09 24.49
N THR C 21 -2.59 -1.84 25.26
CA THR C 21 -1.28 -1.63 24.66
C THR C 21 -0.67 -2.92 24.16
N HIS C 22 -1.17 -4.06 24.65
CA HIS C 22 -0.68 -5.35 24.21
C HIS C 22 -1.00 -5.57 22.75
N GLY C 23 -0.12 -6.27 22.06
CA GLY C 23 -0.36 -6.57 20.66
C GLY C 23 -1.21 -7.79 20.42
N VAL C 24 -1.68 -8.44 21.48
CA VAL C 24 -2.45 -9.68 21.34
C VAL C 24 -3.60 -9.83 22.34
N GLY C 25 -4.68 -10.47 21.90
CA GLY C 25 -5.75 -10.91 22.78
C GLY C 25 -6.92 -9.98 23.04
N PHE C 26 -8.07 -10.28 22.45
CA PHE C 26 -9.37 -9.72 22.84
C PHE C 26 -9.59 -8.21 22.64
N ASP C 27 -10.54 -7.90 21.76
CA ASP C 27 -11.04 -6.54 21.50
C ASP C 27 -11.88 -5.86 22.59
N TYR C 28 -12.82 -6.60 23.18
CA TYR C 28 -13.75 -6.06 24.18
C TYR C 28 -14.83 -5.10 23.70
N GLY C 29 -14.52 -4.22 22.76
CA GLY C 29 -15.49 -3.23 22.34
C GLY C 29 -16.66 -3.80 21.58
N VAL C 30 -17.80 -3.11 21.64
CA VAL C 30 -18.99 -3.55 20.92
C VAL C 30 -19.03 -2.96 19.53
N PRO C 31 -19.11 -3.82 18.51
CA PRO C 31 -19.27 -3.30 17.15
C PRO C 31 -20.59 -2.56 17.03
N LEU C 32 -20.62 -1.47 16.26
CA LEU C 32 -21.88 -0.81 15.99
C LEU C 32 -22.54 -1.42 14.78
N SER C 33 -23.06 -2.63 14.96
CA SER C 33 -23.69 -3.32 13.85
C SER C 33 -24.59 -4.44 14.29
N LEU C 34 -25.56 -4.76 13.43
CA LEU C 34 -26.33 -5.97 13.53
C LEU C 34 -25.37 -7.13 13.35
N PHE C 35 -25.62 -8.23 14.05
CA PHE C 35 -24.65 -9.34 14.21
C PHE C 35 -23.45 -8.91 15.03
N PRO C 36 -23.27 -9.54 16.18
CA PRO C 36 -22.14 -9.25 17.09
C PRO C 36 -20.78 -9.47 16.45
N ASP C 37 -20.68 -10.40 15.52
CA ASP C 37 -19.38 -10.70 14.91
C ASP C 37 -19.29 -10.38 13.42
N ASN C 38 -19.05 -9.11 13.11
CA ASN C 38 -18.66 -8.73 11.78
C ASN C 38 -17.32 -9.32 11.41
N ALA C 39 -17.13 -9.62 10.12
CA ALA C 39 -15.84 -10.02 9.63
C ALA C 39 -15.78 -9.91 8.12
N ILE C 40 -14.57 -9.92 7.58
CA ILE C 40 -14.33 -10.00 6.16
C ILE C 40 -12.94 -10.61 6.01
N ASP C 41 -12.62 -11.19 4.87
CA ASP C 41 -11.29 -11.74 4.75
C ASP C 41 -10.40 -10.81 3.93
N PRO C 42 -9.41 -10.20 4.59
CA PRO C 42 -8.40 -9.35 3.96
C PRO C 42 -7.58 -10.06 2.90
N THR C 43 -7.37 -11.35 3.06
CA THR C 43 -6.38 -12.07 2.27
C THR C 43 -6.76 -12.19 0.81
N ILE C 44 -8.02 -11.96 0.49
CA ILE C 44 -8.53 -12.28 -0.84
C ILE C 44 -8.27 -11.22 -1.91
N ALA C 45 -8.37 -9.95 -1.55
CA ALA C 45 -8.28 -8.87 -2.54
C ALA C 45 -6.86 -8.36 -2.74
N ASN C 46 -5.90 -8.97 -2.08
CA ASN C 46 -4.52 -8.50 -2.11
C ASN C 46 -3.88 -8.57 -3.49
N PRO C 47 -3.07 -7.55 -3.82
CA PRO C 47 -2.28 -7.56 -5.06
C PRO C 47 -1.32 -8.73 -5.17
N GLU C 48 -0.77 -9.23 -4.06
CA GLU C 48 0.12 -10.39 -4.14
C GLU C 48 -0.05 -11.39 -3.02
N SER C 49 0.40 -12.62 -3.27
CA SER C 49 0.22 -13.73 -2.34
C SER C 49 0.99 -13.62 -1.01
N ILE C 50 2.19 -13.06 -1.04
CA ILE C 50 2.96 -12.90 0.19
C ILE C 50 2.51 -11.69 0.99
N ASP C 51 2.66 -11.75 2.31
CA ASP C 51 2.29 -10.61 3.16
C ASP C 51 3.20 -9.42 2.92
N GLU C 52 2.61 -8.24 2.83
CA GLU C 52 3.36 -7.03 2.52
C GLU C 52 3.69 -6.20 3.74
N MET C 53 3.36 -6.70 4.93
CA MET C 53 3.65 -5.96 6.14
C MET C 53 4.68 -6.68 6.99
N SER C 54 5.20 -7.80 6.48
CA SER C 54 6.27 -8.50 7.16
C SER C 54 7.56 -7.71 7.05
N ILE C 55 8.37 -7.73 8.11
CA ILE C 55 9.63 -6.99 8.13
C ILE C 55 10.62 -7.49 7.09
N GLN C 56 10.64 -8.79 6.87
CA GLN C 56 11.56 -9.36 5.91
C GLN C 56 11.20 -8.91 4.51
N TYR C 57 9.91 -8.69 4.29
CA TYR C 57 9.47 -8.18 3.00
C TYR C 57 9.95 -6.76 2.77
N LEU C 58 10.04 -5.99 3.84
CA LEU C 58 10.52 -4.62 3.74
C LEU C 58 12.02 -4.59 3.53
N ALA C 59 12.72 -5.48 4.21
CA ALA C 59 14.17 -5.51 4.14
C ALA C 59 14.68 -5.92 2.77
N SER C 60 13.89 -6.71 2.05
CA SER C 60 14.37 -7.36 0.84
C SER C 60 14.40 -6.46 -0.39
N ARG C 61 13.87 -5.25 -0.29
CA ARG C 61 13.97 -4.33 -1.41
C ARG C 61 15.19 -3.45 -1.39
N PRO C 62 16.02 -3.56 -2.44
CA PRO C 62 17.18 -2.71 -2.70
C PRO C 62 16.80 -1.27 -2.95
N TYR C 63 17.66 -0.35 -2.56
CA TYR C 63 17.49 1.04 -2.92
C TYR C 63 18.83 1.71 -3.14
N MET C 64 18.89 2.59 -4.12
CA MET C 64 20.08 3.40 -4.35
C MET C 64 20.25 4.35 -3.19
N LEU C 65 21.48 4.58 -2.72
CA LEU C 65 21.64 5.52 -1.63
C LEU C 65 22.15 6.87 -2.12
N ASP C 66 23.26 6.90 -2.86
CA ASP C 66 23.77 8.16 -3.38
C ASP C 66 24.83 7.94 -4.46
N ARG C 67 24.98 8.93 -5.33
CA ARG C 67 25.97 8.93 -6.40
C ARG C 67 27.39 9.28 -5.92
N TYR C 68 28.41 8.75 -6.59
CA TYR C 68 29.79 9.10 -6.24
C TYR C 68 30.71 9.14 -7.46
N THR C 69 31.22 10.33 -7.80
CA THR C 69 32.10 10.47 -8.95
C THR C 69 33.51 9.96 -8.72
N ILE C 70 34.13 9.47 -9.79
CA ILE C 70 35.51 9.04 -9.78
C ILE C 70 36.23 9.62 -10.98
N LYS C 71 37.17 10.51 -10.74
CA LYS C 71 37.81 11.26 -11.81
C LYS C 71 39.34 11.29 -11.71
N GLY C 72 39.99 11.43 -12.86
CA GLY C 72 39.27 11.43 -14.12
C GLY C 72 40.02 11.97 -15.33
N GLY C 73 40.91 11.16 -15.89
CA GLY C 73 41.58 11.46 -17.15
C GLY C 73 42.34 12.77 -17.17
N ASN C 74 43.67 12.66 -17.02
CA ASN C 74 44.68 13.73 -17.11
C ASN C 74 45.52 13.68 -15.84
N THR C 75 44.94 14.21 -14.78
CA THR C 75 45.47 14.09 -13.43
C THR C 75 44.48 13.34 -12.56
N PRO C 76 44.40 12.01 -12.75
CA PRO C 76 43.50 11.19 -11.94
C PRO C 76 43.91 11.25 -10.48
N SER C 77 42.93 11.18 -9.59
CA SER C 77 43.20 11.32 -8.16
C SER C 77 44.15 10.22 -7.70
N PRO C 78 45.12 10.59 -6.85
CA PRO C 78 46.19 9.71 -6.39
C PRO C 78 45.68 8.53 -5.59
N SER C 79 46.38 7.41 -5.67
CA SER C 79 45.98 6.21 -4.96
C SER C 79 45.87 6.46 -3.46
N GLY C 80 44.91 5.79 -2.83
CA GLY C 80 44.62 6.03 -1.42
C GLY C 80 43.63 7.15 -1.22
N THR C 81 43.14 7.72 -2.31
CA THR C 81 42.08 8.71 -2.21
C THR C 81 40.75 8.03 -2.02
N VAL C 82 40.10 8.31 -0.89
CA VAL C 82 38.81 7.73 -0.59
C VAL C 82 37.75 8.26 -1.54
N VAL C 83 36.88 7.38 -2.03
CA VAL C 83 35.72 7.84 -2.76
C VAL C 83 34.49 7.81 -1.87
N ALA C 84 34.48 6.96 -0.84
CA ALA C 84 33.30 6.86 -0.01
C ALA C 84 33.53 6.36 1.41
N ASP C 85 32.78 6.93 2.34
CA ASP C 85 32.72 6.49 3.74
C ASP C 85 31.29 6.23 4.15
N ILE C 86 30.94 4.97 4.39
CA ILE C 86 29.56 4.60 4.65
C ILE C 86 29.40 3.94 6.00
N PRO C 87 28.97 4.71 7.00
CA PRO C 87 28.66 4.15 8.31
C PRO C 87 27.54 3.14 8.20
N ILE C 88 27.59 2.06 8.99
CA ILE C 88 26.64 0.98 8.84
C ILE C 88 25.42 1.21 9.72
N SER C 89 24.49 2.04 9.26
CA SER C 89 23.19 2.17 9.91
C SER C 89 22.21 2.80 8.96
N PRO C 90 20.99 2.27 8.91
CA PRO C 90 19.89 2.77 8.09
C PRO C 90 19.50 4.22 8.36
N VAL C 91 19.64 4.67 9.59
CA VAL C 91 19.17 6.01 9.96
C VAL C 91 20.23 7.06 10.27
N ASN C 92 21.46 6.87 9.82
CA ASN C 92 22.49 7.84 10.17
C ASN C 92 22.15 9.21 9.61
N TYR C 93 22.33 10.23 10.44
CA TYR C 93 22.01 11.59 10.03
C TYR C 93 23.01 12.15 9.03
N SER C 94 24.19 11.58 9.00
CA SER C 94 25.22 12.12 8.11
C SER C 94 24.77 12.04 6.67
N LEU C 95 24.75 10.83 6.13
CA LEU C 95 24.47 10.68 4.70
C LEU C 95 22.97 10.58 4.39
N TYR C 96 22.13 10.49 5.41
CA TYR C 96 20.69 10.66 5.19
C TYR C 96 20.22 11.99 5.74
N GLY C 97 19.41 12.71 4.98
CA GLY C 97 18.63 13.79 5.57
C GLY C 97 19.39 15.06 5.89
N SER C 98 18.66 15.99 6.50
CA SER C 98 19.20 17.31 6.82
C SER C 98 18.35 17.98 7.89
N ILE C 99 18.93 18.94 8.60
CA ILE C 99 18.15 19.71 9.56
C ILE C 99 17.29 20.71 8.79
N ILE C 100 16.11 21.04 9.32
CA ILE C 100 15.24 22.01 8.67
C ILE C 100 14.72 23.10 9.61
N ARG C 101 13.89 22.73 10.57
CA ARG C 101 13.35 23.69 11.50
C ARG C 101 13.68 23.21 12.90
N ASP C 102 14.98 23.20 13.18
CA ASP C 102 15.56 22.57 14.36
C ASP C 102 15.44 21.06 14.25
N TYR C 103 14.31 20.55 13.80
CA TYR C 103 14.16 19.13 13.58
C TYR C 103 15.08 18.63 12.49
N ARG C 104 15.67 17.47 12.74
CA ARG C 104 16.59 16.85 11.83
C ARG C 104 15.88 15.83 10.94
N THR C 105 15.30 16.30 9.84
CA THR C 105 14.51 15.41 9.01
C THR C 105 15.42 14.42 8.29
N ILE C 106 14.87 13.27 7.95
CA ILE C 106 15.66 12.22 7.33
C ILE C 106 14.91 11.52 6.21
N PHE C 107 15.25 11.90 4.99
CA PHE C 107 14.74 11.25 3.78
C PHE C 107 15.32 9.86 3.67
N GLY C 108 14.49 8.88 3.29
CA GLY C 108 15.02 7.53 3.14
C GLY C 108 14.03 6.42 2.83
N ALA C 109 14.57 5.22 2.69
CA ALA C 109 13.82 4.01 2.34
C ALA C 109 12.98 3.52 3.52
N PRO C 110 11.92 2.74 3.24
CA PRO C 110 10.99 2.30 4.30
C PRO C 110 11.58 1.53 5.48
N VAL C 111 12.61 0.73 5.24
CA VAL C 111 13.20 -0.01 6.34
C VAL C 111 13.73 0.97 7.37
N SER C 112 14.23 2.10 6.88
CA SER C 112 14.78 3.10 7.76
C SER C 112 13.72 3.65 8.68
N LEU C 113 12.49 3.75 8.19
CA LEU C 113 11.39 4.15 9.07
C LEU C 113 11.08 3.07 10.07
N ALA C 114 11.11 1.83 9.58
CA ALA C 114 10.77 0.71 10.43
C ALA C 114 11.72 0.61 11.61
N VAL C 115 13.00 0.94 11.39
CA VAL C 115 13.93 0.92 12.50
C VAL C 115 13.88 2.24 13.25
N ALA C 116 13.37 3.27 12.59
CA ALA C 116 13.27 4.57 13.21
C ALA C 116 12.26 4.54 14.35
N MET C 117 11.30 3.63 14.24
CA MET C 117 10.28 3.53 15.28
C MET C 117 10.74 2.73 16.51
N ALA C 118 11.38 1.59 16.30
CA ALA C 118 11.89 0.76 17.39
C ALA C 118 13.17 1.33 17.97
N SER C 119 13.49 0.99 19.20
CA SER C 119 14.72 1.50 19.82
C SER C 119 15.95 0.61 19.59
N TRP C 120 15.75 -0.70 19.53
CA TRP C 120 16.91 -1.59 19.40
C TRP C 120 16.84 -2.36 18.09
N TRP C 121 18.01 -2.66 17.48
CA TRP C 121 18.02 -3.35 16.18
C TRP C 121 19.29 -4.15 15.92
N ARG C 122 19.23 -5.08 14.97
CA ARG C 122 20.43 -5.79 14.52
C ARG C 122 20.26 -6.30 13.09
N ALA C 123 21.34 -6.26 12.30
CA ALA C 123 21.29 -6.63 10.88
C ALA C 123 22.67 -6.84 10.28
N LYS C 124 22.70 -7.39 9.06
CA LYS C 124 23.94 -7.51 8.28
C LYS C 124 23.78 -6.79 6.96
N ILE C 125 24.87 -6.34 6.33
CA ILE C 125 24.70 -5.63 5.05
C ILE C 125 24.92 -6.47 3.80
N HIS C 126 24.07 -6.23 2.81
CA HIS C 126 24.25 -6.79 1.49
C HIS C 126 24.26 -5.69 0.41
N LEU C 127 25.45 -5.25 0.05
CA LEU C 127 25.65 -4.31 -1.06
C LEU C 127 25.61 -4.89 -2.46
N ASN C 128 25.32 -4.01 -3.40
CA ASN C 128 25.37 -4.29 -4.83
C ASN C 128 25.96 -3.07 -5.52
N LEU C 129 27.26 -3.09 -5.79
CA LEU C 129 27.90 -1.98 -6.48
C LEU C 129 27.52 -1.94 -7.94
N GLN C 130 27.43 -0.73 -8.50
CA GLN C 130 26.93 -0.54 -9.85
C GLN C 130 27.44 0.77 -10.44
N PHE C 131 27.59 0.83 -11.77
CA PHE C 131 28.36 1.90 -12.40
C PHE C 131 27.73 2.53 -13.64
N ALA C 132 28.29 3.68 -14.01
CA ALA C 132 27.97 4.31 -15.28
C ALA C 132 29.25 4.47 -16.09
N LYS C 133 29.61 3.43 -16.84
CA LYS C 133 30.91 3.37 -17.48
C LYS C 133 30.84 2.77 -18.88
N THR C 134 31.86 3.06 -19.67
CA THR C 134 32.11 2.31 -20.90
C THR C 134 33.11 1.22 -20.62
N GLN C 135 33.31 0.33 -21.57
CA GLN C 135 34.43 -0.60 -21.46
C GLN C 135 35.68 -0.01 -22.05
N TYR C 136 35.94 1.25 -21.72
CA TYR C 136 37.16 1.93 -22.10
C TYR C 136 37.77 2.59 -20.87
N HIS C 137 36.96 2.69 -19.83
CA HIS C 137 37.44 2.99 -18.49
C HIS C 137 38.00 1.76 -17.81
N GLN C 138 38.98 1.95 -16.93
CA GLN C 138 39.64 0.81 -16.34
C GLN C 138 40.40 1.16 -15.06
N CYS C 139 39.92 0.67 -13.92
CA CYS C 139 40.57 0.91 -12.63
C CYS C 139 40.21 -0.17 -11.60
N ARG C 140 40.84 -0.13 -10.44
CA ARG C 140 40.58 -1.11 -9.38
C ARG C 140 40.24 -0.40 -8.08
N LEU C 141 39.54 -1.10 -7.20
CA LEU C 141 39.04 -0.48 -5.98
C LEU C 141 39.23 -1.34 -4.73
N LEU C 142 39.47 -0.70 -3.59
CA LEU C 142 39.41 -1.39 -2.31
C LEU C 142 38.18 -1.04 -1.51
N VAL C 143 37.71 -2.05 -0.79
CA VAL C 143 36.57 -1.93 0.10
C VAL C 143 36.88 -2.58 1.43
N GLN C 144 37.04 -1.79 2.49
CA GLN C 144 37.23 -2.39 3.81
C GLN C 144 36.06 -2.25 4.76
N TYR C 145 35.96 -3.20 5.68
CA TYR C 145 35.01 -3.14 6.78
C TYR C 145 35.74 -2.85 8.07
N LEU C 146 35.53 -1.66 8.61
CA LEU C 146 36.28 -1.22 9.77
C LEU C 146 35.40 -1.02 11.00
N PRO C 147 35.51 -1.95 11.97
CA PRO C 147 35.07 -1.67 13.34
C PRO C 147 35.89 -0.55 13.96
N TYR C 148 35.26 0.29 14.75
CA TYR C 148 35.88 1.41 15.46
C TYR C 148 37.13 2.04 14.85
N GLY C 149 37.22 2.11 13.55
CA GLY C 149 38.42 2.68 12.94
C GLY C 149 38.16 3.88 12.06
N SER C 150 39.20 4.31 11.37
CA SER C 150 39.09 5.30 10.30
C SER C 150 40.37 5.29 9.48
N ASP C 151 40.36 5.95 8.34
CA ASP C 151 41.47 5.95 7.38
C ASP C 151 41.71 4.56 6.78
N VAL C 152 42.24 4.52 5.56
CA VAL C 152 42.54 3.25 4.92
C VAL C 152 43.58 2.49 5.71
N GLN C 153 43.45 1.17 5.78
CA GLN C 153 44.28 0.39 6.67
C GLN C 153 44.97 -0.79 6.02
N SER C 154 45.66 -0.56 4.91
CA SER C 154 46.42 -1.61 4.23
C SER C 154 45.54 -2.77 3.79
N LEU C 155 46.17 -3.79 3.23
CA LEU C 155 45.45 -4.99 2.81
C LEU C 155 45.42 -6.02 3.92
N GLU C 156 46.38 -5.91 4.82
CA GLU C 156 46.64 -6.94 5.81
C GLU C 156 45.77 -6.80 7.05
N ASN C 157 45.63 -5.57 7.52
CA ASN C 157 45.06 -5.33 8.83
C ASN C 157 43.61 -5.72 8.97
N VAL C 158 42.85 -5.62 7.89
CA VAL C 158 41.42 -5.77 7.95
C VAL C 158 40.85 -6.47 6.74
N LEU C 159 39.60 -6.90 6.84
CA LEU C 159 38.93 -7.54 5.72
C LEU C 159 38.88 -6.58 4.55
N SER C 160 39.25 -7.06 3.38
CA SER C 160 39.36 -6.23 2.21
C SER C 160 38.91 -7.02 1.01
N GLN C 161 38.69 -6.35 -0.10
CA GLN C 161 37.98 -6.97 -1.19
C GLN C 161 38.17 -6.17 -2.47
N ILE C 162 39.21 -6.48 -3.23
CA ILE C 162 39.51 -5.76 -4.45
C ILE C 162 38.46 -6.00 -5.53
N ILE C 163 38.05 -4.95 -6.23
CA ILE C 163 37.08 -5.06 -7.31
C ILE C 163 37.59 -4.46 -8.62
N ASP C 164 37.89 -5.30 -9.60
CA ASP C 164 38.18 -4.80 -10.94
C ASP C 164 36.92 -4.25 -11.58
N ILE C 165 37.06 -3.10 -12.24
CA ILE C 165 35.93 -2.45 -12.89
C ILE C 165 35.53 -3.14 -14.17
N SER C 166 36.52 -3.53 -14.95
CA SER C 166 36.29 -4.05 -16.29
C SER C 166 35.52 -5.37 -16.26
N HIS C 167 35.66 -6.10 -15.16
CA HIS C 167 34.97 -7.35 -14.99
C HIS C 167 33.58 -7.19 -14.40
N VAL C 168 33.18 -5.98 -14.08
CA VAL C 168 31.83 -5.77 -13.56
C VAL C 168 30.88 -5.58 -14.71
N ASP C 169 30.24 -6.66 -15.12
CA ASP C 169 29.24 -6.58 -16.15
C ASP C 169 28.13 -5.84 -15.42
N GLU C 170 27.07 -5.51 -16.12
CA GLU C 170 25.95 -4.79 -15.52
C GLU C 170 25.11 -5.66 -14.59
N SER C 171 24.25 -4.99 -13.82
CA SER C 171 23.57 -5.51 -12.63
C SER C 171 24.53 -5.48 -11.46
N GLY C 172 25.79 -5.18 -11.76
CA GLY C 172 26.78 -4.89 -10.75
C GLY C 172 27.24 -6.11 -9.98
N ILE C 173 27.93 -5.87 -8.86
CA ILE C 173 28.48 -6.97 -8.09
C ILE C 173 27.98 -6.94 -6.66
N ASP C 174 27.42 -8.06 -6.23
CA ASP C 174 26.96 -8.20 -4.86
C ASP C 174 28.11 -8.48 -3.90
N LEU C 175 27.99 -8.03 -2.67
CA LEU C 175 28.97 -8.32 -1.63
C LEU C 175 28.35 -8.14 -0.26
N CYS C 176 28.72 -8.99 0.69
CA CYS C 176 28.07 -8.98 1.99
C CYS C 176 29.06 -8.80 3.13
N PHE C 177 28.65 -8.05 4.14
CA PHE C 177 29.47 -7.90 5.33
C PHE C 177 28.75 -8.22 6.63
N PRO C 178 29.43 -9.04 7.47
CA PRO C 178 29.18 -9.44 8.86
C PRO C 178 29.27 -8.27 9.81
N SER C 179 28.51 -8.30 10.90
CA SER C 179 28.53 -7.20 11.83
C SER C 179 29.17 -7.57 13.15
N ILE C 180 30.42 -7.15 13.33
CA ILE C 180 31.15 -7.36 14.58
C ILE C 180 30.82 -6.29 15.61
N PHE C 181 30.42 -6.71 16.81
CA PHE C 181 30.07 -5.74 17.84
C PHE C 181 30.06 -6.38 19.22
N THR C 182 30.22 -5.58 20.26
CA THR C 182 30.39 -6.07 21.63
C THR C 182 29.18 -6.75 22.27
N ASN C 183 27.97 -6.42 21.83
CA ASN C 183 26.76 -7.09 22.29
C ASN C 183 25.83 -7.52 21.18
N LYS C 184 24.59 -7.85 21.51
CA LYS C 184 23.70 -8.36 20.48
C LYS C 184 22.83 -7.26 19.87
N TRP C 185 22.56 -6.20 20.61
CA TRP C 185 21.65 -5.17 20.10
C TRP C 185 22.26 -3.78 19.97
N MET C 186 22.13 -3.20 18.78
CA MET C 186 22.49 -1.81 18.51
C MET C 186 21.41 -0.86 19.01
N ARG C 187 21.77 0.37 19.37
CA ARG C 187 20.75 1.37 19.60
C ARG C 187 20.53 2.20 18.33
N SER C 188 19.34 2.75 18.16
CA SER C 188 18.97 3.41 16.93
C SER C 188 19.35 4.88 16.87
N TYR C 189 18.61 5.73 17.58
CA TYR C 189 18.80 7.17 17.46
C TYR C 189 20.16 7.66 17.94
N ASP C 190 20.74 8.61 17.21
CA ASP C 190 21.92 9.30 17.70
C ASP C 190 21.94 10.79 17.38
N PRO C 191 22.48 11.59 18.30
CA PRO C 191 22.76 13.03 18.17
C PRO C 191 23.73 13.42 17.05
N ALA C 192 24.68 12.54 16.73
CA ALA C 192 25.83 12.92 15.92
C ALA C 192 25.44 13.47 14.55
N THR C 193 26.16 14.51 14.12
CA THR C 193 25.89 15.15 12.84
C THR C 193 26.95 14.81 11.80
N GLU C 194 27.90 13.95 12.19
CA GLU C 194 28.88 13.43 11.23
C GLU C 194 29.02 11.93 11.36
N GLY C 195 30.12 11.47 11.93
CA GLY C 195 30.37 10.06 12.07
C GLY C 195 29.44 9.47 13.10
N TYR C 196 29.26 8.17 13.05
CA TYR C 196 28.39 7.50 14.01
C TYR C 196 28.97 7.66 15.41
N THR C 197 28.10 7.66 16.41
CA THR C 197 28.55 7.87 17.79
C THR C 197 29.43 6.73 18.30
N ALA C 198 28.80 5.70 18.84
CA ALA C 198 29.54 4.59 19.44
C ALA C 198 28.80 3.27 19.32
N GLY C 199 27.82 3.07 20.19
CA GLY C 199 27.05 1.84 20.18
C GLY C 199 25.93 1.88 19.16
N CYS C 200 25.77 3.01 18.51
CA CYS C 200 24.73 3.18 17.51
C CYS C 200 24.97 2.38 16.24
N ALA C 201 26.23 2.12 15.91
CA ALA C 201 26.54 1.38 14.68
C ALA C 201 27.66 0.39 14.89
N PRO C 202 27.60 -0.75 14.18
CA PRO C 202 28.68 -1.74 14.18
C PRO C 202 30.01 -1.21 13.71
N GLY C 203 30.01 -0.27 12.79
CA GLY C 203 31.26 0.23 12.26
C GLY C 203 31.11 1.04 10.99
N ARG C 204 31.97 0.78 10.03
CA ARG C 204 32.05 1.61 8.85
C ARG C 204 32.46 0.76 7.66
N ILE C 205 32.07 1.15 6.46
CA ILE C 205 32.62 0.52 5.29
C ILE C 205 33.25 1.61 4.42
N LEU C 206 34.43 1.35 3.89
CA LEU C 206 35.21 2.42 3.31
C LEU C 206 35.74 2.03 1.94
N ILE C 207 35.43 2.85 0.94
CA ILE C 207 35.78 2.54 -0.43
C ILE C 207 36.76 3.56 -0.97
N SER C 208 37.84 3.07 -1.57
CA SER C 208 38.89 3.95 -2.04
C SER C 208 39.62 3.38 -3.23
N VAL C 209 40.25 4.26 -3.99
CA VAL C 209 41.01 3.88 -5.17
C VAL C 209 42.26 3.07 -4.83
N LEU C 210 42.53 2.04 -5.63
CA LEU C 210 43.80 1.33 -5.54
C LEU C 210 44.68 1.76 -6.71
N ASN C 211 44.31 1.32 -7.91
CA ASN C 211 44.92 1.84 -9.14
C ASN C 211 44.06 2.95 -9.72
N PRO C 212 44.64 4.14 -9.88
CA PRO C 212 43.91 5.30 -10.40
C PRO C 212 43.39 5.10 -11.82
N LEU C 213 42.22 5.66 -12.09
CA LEU C 213 41.52 5.48 -13.37
C LEU C 213 42.26 6.07 -14.56
N ILE C 214 42.20 5.36 -15.69
CA ILE C 214 42.69 5.88 -16.95
C ILE C 214 41.62 5.73 -18.01
N SER C 215 41.64 6.59 -19.01
CA SER C 215 40.60 6.56 -20.03
C SER C 215 41.05 7.09 -21.37
N ALA C 216 40.41 6.60 -22.42
CA ALA C 216 40.71 7.00 -23.79
C ALA C 216 40.27 8.43 -24.07
N SER C 217 40.89 9.05 -25.07
CA SER C 217 40.49 10.39 -25.49
C SER C 217 39.07 10.39 -26.07
N THR C 218 38.61 9.22 -26.46
CA THR C 218 37.31 9.08 -27.09
C THR C 218 36.17 9.06 -26.09
N VAL C 219 36.49 9.10 -24.81
CA VAL C 219 35.48 8.90 -23.79
C VAL C 219 35.58 10.00 -22.72
N ASN C 220 34.49 10.23 -21.98
CA ASN C 220 34.46 11.21 -20.91
C ASN C 220 35.45 10.86 -19.81
N ASP C 221 35.95 11.89 -19.12
CA ASP C 221 37.03 11.72 -18.16
C ASP C 221 36.71 10.89 -16.93
N ASP C 222 35.46 10.87 -16.49
CA ASP C 222 35.17 10.28 -15.19
C ASP C 222 33.92 9.43 -15.14
N ILE C 223 33.84 8.56 -14.15
CA ILE C 223 32.72 7.63 -14.04
C ILE C 223 31.95 7.83 -12.74
N VAL C 224 30.85 7.11 -12.58
CA VAL C 224 29.96 7.31 -11.43
C VAL C 224 29.52 6.03 -10.76
N MET C 225 29.91 5.84 -9.50
CA MET C 225 29.54 4.64 -8.75
C MET C 225 28.27 4.87 -7.94
N MET C 226 27.41 3.86 -7.92
CA MET C 226 26.07 3.93 -7.35
C MET C 226 25.67 2.77 -6.47
N PRO C 227 26.10 2.75 -5.21
CA PRO C 227 25.77 1.55 -4.43
C PRO C 227 24.27 1.32 -4.28
N TRP C 228 23.87 0.06 -4.35
CA TRP C 228 22.51 -0.39 -4.07
C TRP C 228 22.61 -1.26 -2.85
N LEU C 229 21.56 -1.40 -2.05
CA LEU C 229 21.73 -2.20 -0.85
C LEU C 229 20.49 -2.80 -0.22
N THR C 230 20.70 -3.82 0.59
CA THR C 230 19.62 -4.43 1.33
C THR C 230 20.13 -4.98 2.65
N TRP C 231 19.22 -5.13 3.61
CA TRP C 231 19.59 -5.45 4.97
C TRP C 231 19.25 -6.87 5.37
N GLU C 232 20.22 -7.75 5.30
CA GLU C 232 20.00 -9.16 5.62
C GLU C 232 19.76 -9.36 7.10
N ASN C 233 18.84 -10.26 7.43
CA ASN C 233 18.61 -10.69 8.80
C ASN C 233 18.28 -9.56 9.76
N LEU C 234 17.47 -8.62 9.31
CA LEU C 234 17.05 -7.48 10.13
C LEU C 234 16.21 -7.95 11.29
N GLU C 235 16.32 -7.27 12.43
CA GLU C 235 15.55 -7.66 13.59
C GLU C 235 15.40 -6.48 14.54
N LEU C 236 14.21 -6.30 15.11
CA LEU C 236 13.85 -5.09 15.86
C LEU C 236 13.27 -5.34 17.23
N ALA C 237 13.43 -4.39 18.14
CA ALA C 237 12.93 -4.57 19.50
C ALA C 237 12.59 -3.26 20.21
N GLU C 238 11.56 -3.36 21.07
CA GLU C 238 11.09 -2.29 21.93
C GLU C 238 10.61 -1.10 21.10
N PRO C 239 9.35 -1.11 20.70
CA PRO C 239 8.68 -0.03 19.98
C PRO C 239 8.55 1.25 20.81
N GLY C 240 8.57 2.40 20.15
CA GLY C 240 8.39 3.68 20.83
C GLY C 240 9.49 4.67 20.53
N SER C 241 9.13 5.78 19.90
CA SER C 241 10.11 6.79 19.51
C SER C 241 9.49 8.12 19.12
N LEU C 242 10.33 9.14 18.99
CA LEU C 242 9.90 10.45 18.55
C LEU C 242 9.74 10.56 17.04
N ALA C 243 10.10 9.52 16.32
CA ALA C 243 10.01 9.56 14.86
C ALA C 243 8.58 9.75 14.39
N LYS C 244 8.38 10.67 13.45
CA LYS C 244 7.07 10.87 12.82
C LYS C 244 7.10 11.80 11.61
N ALA C 245 6.03 11.73 10.82
CA ALA C 245 5.99 12.31 9.47
C ALA C 245 6.15 13.83 9.44
N ALA C 246 6.71 14.32 8.34
CA ALA C 246 7.22 15.68 8.26
C ALA C 246 6.17 16.75 8.02
N ILE C 247 4.92 16.35 7.85
CA ILE C 247 3.85 17.32 7.66
C ILE C 247 3.75 18.19 8.90
N GLY C 248 3.62 19.50 8.71
CA GLY C 248 3.62 20.43 9.82
C GLY C 248 4.98 20.38 10.49
N PHE C 249 5.17 21.17 11.55
CA PHE C 249 6.40 21.08 12.33
C PHE C 249 6.16 21.49 13.76
N ASP C 250 4.92 21.40 14.21
CA ASP C 250 4.54 22.00 15.48
C ASP C 250 3.51 21.17 16.23
N TYR C 251 3.54 21.31 17.54
CA TYR C 251 2.43 20.85 18.38
C TYR C 251 1.35 21.91 18.40
N PRO C 252 0.09 21.49 18.51
CA PRO C 252 -1.08 22.37 18.31
C PRO C 252 -1.11 23.58 19.23
N ALA C 253 -0.65 23.44 20.46
CA ALA C 253 -0.66 24.56 21.40
C ALA C 253 0.45 24.41 22.44
N ASP D 3 -33.70 -24.84 23.70
CA ASP D 3 -32.37 -25.12 24.25
C ASP D 3 -31.79 -23.90 24.94
N ASP D 4 -32.64 -23.10 25.56
CA ASP D 4 -32.19 -21.90 26.25
C ASP D 4 -31.31 -22.21 27.44
N ALA D 5 -31.54 -23.37 28.05
CA ALA D 5 -30.76 -23.75 29.22
C ALA D 5 -29.32 -23.99 28.82
N THR D 6 -29.12 -24.77 27.75
CA THR D 6 -27.79 -25.00 27.25
C THR D 6 -27.20 -23.72 26.67
N ALA D 7 -28.05 -22.91 26.07
CA ALA D 7 -27.58 -21.70 25.43
C ALA D 7 -27.05 -20.72 26.46
N SER D 8 -27.62 -20.76 27.65
CA SER D 8 -27.15 -19.88 28.71
C SER D 8 -26.00 -20.51 29.46
N GLN D 9 -25.99 -21.82 29.56
CA GLN D 9 -24.94 -22.52 30.28
C GLN D 9 -23.60 -22.50 29.54
N ARG D 10 -23.66 -22.65 28.23
CA ARG D 10 -22.46 -22.61 27.41
C ARG D 10 -21.83 -21.22 27.42
N GLY D 11 -22.69 -20.21 27.52
CA GLY D 11 -22.26 -18.85 27.78
C GLY D 11 -21.82 -17.97 26.62
N ILE D 12 -21.83 -18.50 25.40
CA ILE D 12 -21.41 -17.73 24.25
C ILE D 12 -22.59 -17.22 23.44
N VAL D 13 -22.51 -15.98 23.01
CA VAL D 13 -23.63 -15.31 22.34
C VAL D 13 -24.04 -15.92 21.00
N THR D 14 -23.08 -16.45 20.25
CA THR D 14 -23.30 -16.74 18.83
C THR D 14 -24.16 -17.96 18.49
N GLN D 15 -23.92 -19.09 19.16
CA GLN D 15 -24.43 -20.36 18.68
C GLN D 15 -25.96 -20.47 18.64
N VAL D 16 -26.63 -19.84 19.61
CA VAL D 16 -28.10 -19.76 19.71
C VAL D 16 -28.92 -20.96 19.20
N ALA D 17 -28.49 -22.17 19.52
CA ALA D 17 -29.21 -23.41 19.19
C ALA D 17 -29.42 -23.61 17.69
N ASP D 18 -28.61 -24.46 17.08
CA ASP D 18 -28.70 -24.73 15.65
C ASP D 18 -29.86 -25.64 15.23
N THR D 19 -30.39 -25.38 14.03
CA THR D 19 -31.31 -26.25 13.32
C THR D 19 -31.12 -25.99 11.83
N VAL D 20 -31.59 -26.89 10.98
CA VAL D 20 -31.54 -26.63 9.56
C VAL D 20 -32.93 -26.66 8.93
N SER D 21 -33.36 -25.51 8.44
CA SER D 21 -34.70 -25.35 7.89
C SER D 21 -34.86 -25.95 6.50
N SER D 22 -36.08 -26.34 6.17
CA SER D 22 -36.40 -26.88 4.85
C SER D 22 -36.87 -25.80 3.89
N ILE D 23 -35.94 -25.25 3.13
CA ILE D 23 -36.24 -24.19 2.18
C ILE D 23 -37.10 -24.66 1.01
N SER D 24 -38.01 -23.79 0.56
CA SER D 24 -38.86 -24.08 -0.60
C SER D 24 -39.15 -22.80 -1.35
N ASN D 25 -39.78 -22.94 -2.52
CA ASN D 25 -40.08 -21.81 -3.40
C ASN D 25 -38.85 -21.04 -3.79
N VAL D 26 -37.78 -21.75 -4.11
CA VAL D 26 -36.55 -21.11 -4.56
C VAL D 26 -36.81 -20.38 -5.86
N VAL D 27 -36.29 -19.16 -5.97
CA VAL D 27 -36.50 -18.36 -7.17
C VAL D 27 -35.21 -18.29 -7.95
N ASP D 28 -34.19 -17.69 -7.33
CA ASP D 28 -32.84 -17.65 -7.88
C ASP D 28 -31.79 -17.94 -6.81
N GLY D 29 -31.82 -19.15 -6.27
CA GLY D 29 -30.85 -19.54 -5.26
C GLY D 29 -31.25 -19.07 -3.88
N LEU D 30 -32.44 -18.48 -3.78
CA LEU D 30 -32.95 -18.02 -2.50
C LEU D 30 -34.37 -18.51 -2.32
N GLY D 31 -34.75 -18.84 -1.09
CA GLY D 31 -36.04 -19.45 -0.86
C GLY D 31 -36.67 -19.09 0.47
N VAL D 32 -37.84 -19.64 0.72
CA VAL D 32 -38.60 -19.33 1.92
C VAL D 32 -38.71 -20.53 2.84
N PRO D 33 -38.16 -20.43 4.06
CA PRO D 33 -38.24 -21.48 5.05
C PRO D 33 -39.65 -21.79 5.50
N LEU D 34 -39.96 -23.06 5.78
CA LEU D 34 -41.24 -23.41 6.38
C LEU D 34 -41.29 -22.99 7.82
N LEU D 35 -42.45 -22.53 8.29
CA LEU D 35 -42.59 -22.21 9.69
C LEU D 35 -42.55 -23.46 10.55
N SER D 36 -42.94 -24.57 9.94
CA SER D 36 -43.02 -25.84 10.64
C SER D 36 -41.68 -26.33 11.14
N SER D 37 -40.61 -25.92 10.47
CA SER D 37 -39.29 -26.42 10.80
C SER D 37 -38.43 -25.38 11.51
N ILE D 38 -38.91 -24.14 11.56
CA ILE D 38 -38.24 -23.07 12.28
C ILE D 38 -38.59 -23.20 13.76
N SER D 39 -39.55 -24.05 14.05
CA SER D 39 -40.04 -24.22 15.41
C SER D 39 -38.95 -24.71 16.34
N LYS D 40 -38.92 -24.16 17.55
CA LYS D 40 -37.90 -24.50 18.52
C LYS D 40 -38.54 -24.98 19.80
N PRO D 41 -37.83 -25.83 20.56
CA PRO D 41 -38.39 -26.43 21.77
C PRO D 41 -38.71 -25.39 22.84
N ILE D 42 -39.78 -25.63 23.58
CA ILE D 42 -40.22 -24.70 24.60
C ILE D 42 -39.69 -25.14 25.96
N GLY D 43 -39.87 -26.42 26.28
CA GLY D 43 -39.15 -27.06 27.35
C GLY D 43 -39.69 -26.98 28.76
N TRP D 44 -40.78 -26.26 28.97
CA TRP D 44 -41.46 -26.37 30.25
C TRP D 44 -42.64 -27.29 30.10
N VAL D 45 -43.10 -27.44 28.87
CA VAL D 45 -44.29 -28.22 28.57
C VAL D 45 -44.14 -29.69 28.95
N SER D 46 -42.93 -30.20 28.76
CA SER D 46 -42.66 -31.59 29.07
C SER D 46 -42.87 -31.82 30.55
N ASN D 47 -42.53 -30.80 31.32
CA ASN D 47 -42.61 -30.90 32.77
C ASN D 47 -44.06 -30.88 33.24
N VAL D 48 -44.85 -29.97 32.67
CA VAL D 48 -46.25 -29.86 33.02
C VAL D 48 -47.03 -31.11 32.62
N VAL D 49 -46.67 -31.71 31.50
CA VAL D 49 -47.40 -32.89 31.07
C VAL D 49 -46.96 -34.13 31.84
N SER D 50 -45.66 -34.20 32.15
CA SER D 50 -45.13 -35.34 32.90
C SER D 50 -45.31 -35.23 34.41
N ASN D 51 -45.77 -34.07 34.86
CA ASN D 51 -45.96 -33.80 36.28
C ASN D 51 -44.72 -33.99 37.12
N VAL D 52 -43.70 -33.17 36.88
CA VAL D 52 -42.51 -33.13 37.68
C VAL D 52 -42.83 -32.51 39.03
N ALA D 53 -42.08 -32.89 40.06
CA ALA D 53 -42.35 -32.44 41.43
C ALA D 53 -42.23 -30.94 41.59
N SER D 54 -41.36 -30.32 40.80
CA SER D 54 -41.07 -28.90 40.97
C SER D 54 -42.28 -28.04 40.68
N ILE D 55 -43.23 -28.60 39.94
CA ILE D 55 -44.47 -27.89 39.65
C ILE D 55 -45.23 -27.61 40.93
N PHE D 56 -45.15 -28.54 41.87
CA PHE D 56 -45.92 -28.44 43.10
C PHE D 56 -45.12 -27.72 44.18
N GLY D 57 -43.91 -27.31 43.84
CA GLY D 57 -43.06 -26.58 44.76
C GLY D 57 -42.22 -27.46 45.67
N PHE D 58 -42.34 -28.78 45.51
CA PHE D 58 -41.59 -29.72 46.35
C PHE D 58 -40.61 -30.55 45.54
#